data_3R5O
#
_entry.id   3R5O
#
_cell.length_a   54.008
_cell.length_b   80.047
_cell.length_c   75.676
_cell.angle_alpha   90.00
_cell.angle_beta   102.98
_cell.angle_gamma   90.00
#
_symmetry.space_group_name_H-M   'P 1 21 1'
#
loop_
_entity.id
_entity.type
_entity.pdbx_description
1 polymer Lactoperoxidase
2 branched 2-acetamido-2-deoxy-beta-D-glucopyranose-(1-4)-2-acetamido-2-deoxy-beta-D-glucopyranose
3 non-polymer 'CALCIUM ION'
4 non-polymer 'PROTOPORPHYRIN IX CONTAINING FE'
5 non-polymer 2-acetamido-2-deoxy-beta-D-glucopyranose
6 non-polymer 'IODIDE ION'
7 non-polymer 2-methoxy-4-[(1E)-prop-1-en-1-yl]phenol
8 non-polymer (4S)-2-METHYL-2,4-PENTANEDIOL
9 non-polymer 'THIOCYANATE ION'
10 non-polymer 1,2-ETHANEDIOL
11 non-polymer GLYCEROL
12 water water
#
_entity_poly.entity_id   1
_entity_poly.type   'polypeptide(L)'
_entity_poly.pdbx_seq_one_letter_code
;SWEVGCGAPVPLVKCDENSPYRTITGDCNNRRSPALGAANRALARWLPAEYEDGLALPFGWTQRKTRNGFRVPLAREVSN
KIVGYLDEEGVLDQNRSLLFMQWGQIVDHDLDFAPETELGSNEHSKTQCEEYCIQGDNCFPIMFPKNDPKLKTQGKCMPF
FRAGFVCPTPPYQSLAREQINAVTSFLDASLVYGSEP(SEP)LASRLRNLSSPLGLMAVNQEAWDHGLAYLPFNNKKPSP
CEFINTTARVPCFLAGDFRASEQILLATAHTLLLREHNRLARELKKLNPHWNGEKLYQEARKILGAFIQIITFRDYLPIV
LGSEMQKWIPPYQGYNNSVDPRISNVFTFAFRFGHMEVPSTVSRLDENYQPWGPEAELPLHTLFFNTWRIIKDGGIDPLV
RGLLAKKSKLMNQDKMVTSELRNKLFQPTHKIHGFDLAAINLQRCRDHGMPGYNSWRGFCGLSQPKTLKGLQTVLKNKIL
AKKLMDLYKTPDNIDIWIGGNAEPMVERGRVGPLLACLLGRQFQQIRDGDRFWWENPGVFTEKQRDSLQKVSFSRLICDN
THITKVPLHAFQANNYPHDFVDCSTVDKLDLSPWASREN
;
_entity_poly.pdbx_strand_id   A
#
loop_
_chem_comp.id
_chem_comp.type
_chem_comp.name
_chem_comp.formula
CA non-polymer 'CALCIUM ION' 'Ca 2'
EDO non-polymer 1,2-ETHANEDIOL 'C2 H6 O2'
EUG non-polymer 2-methoxy-4-[(1E)-prop-1-en-1-yl]phenol 'C10 H12 O2'
GOL non-polymer GLYCEROL 'C3 H8 O3'
HEM non-polymer 'PROTOPORPHYRIN IX CONTAINING FE' 'C34 H32 Fe N4 O4'
IOD non-polymer 'IODIDE ION' 'I -1'
MPD non-polymer (4S)-2-METHYL-2,4-PENTANEDIOL 'C6 H14 O2'
NAG D-saccharide, beta linking 2-acetamido-2-deoxy-beta-D-glucopyranose 'C8 H15 N O6'
SCN non-polymer 'THIOCYANATE ION' 'C N S -1'
#
# COMPACT_ATOMS: atom_id res chain seq x y z
N SER A 1 30.06 15.81 -1.40
CA SER A 1 28.64 16.09 -1.78
C SER A 1 28.23 15.43 -3.11
N TRP A 2 27.00 15.74 -3.53
CA TRP A 2 26.41 15.18 -4.72
C TRP A 2 26.04 16.35 -5.63
N GLU A 3 25.62 16.05 -6.85
CA GLU A 3 25.15 17.12 -7.73
C GLU A 3 23.86 17.55 -7.03
N VAL A 4 23.76 18.82 -6.65
CA VAL A 4 22.66 19.19 -5.82
C VAL A 4 21.49 19.25 -6.76
N GLY A 5 20.75 18.14 -6.73
CA GLY A 5 19.59 17.95 -7.55
C GLY A 5 19.79 17.44 -8.97
N CYS A 6 19.80 16.10 -9.13
CA CYS A 6 19.85 15.47 -10.46
C CYS A 6 18.34 15.59 -10.73
N GLY A 7 17.96 15.94 -11.96
CA GLY A 7 16.55 16.09 -12.30
C GLY A 7 16.22 16.18 -13.78
N ALA A 8 16.65 15.18 -14.54
CA ALA A 8 16.40 15.11 -15.98
C ALA A 8 14.96 14.68 -16.31
N PRO A 9 14.32 13.85 -15.47
CA PRO A 9 12.94 13.46 -15.81
C PRO A 9 11.87 14.44 -15.29
N VAL A 10 12.22 15.27 -14.31
CA VAL A 10 11.25 16.25 -13.79
C VAL A 10 11.68 17.68 -14.08
N PRO A 11 11.01 18.33 -15.06
CA PRO A 11 11.29 19.71 -15.47
C PRO A 11 10.28 20.77 -15.03
N LEU A 12 9.01 20.55 -15.38
CA LEU A 12 7.96 21.52 -15.08
C LEU A 12 7.60 21.68 -13.60
N VAL A 13 7.98 22.84 -13.06
CA VAL A 13 7.67 23.18 -11.67
C VAL A 13 7.12 24.61 -11.60
N LYS A 14 5.98 24.83 -12.27
CA LYS A 14 5.32 26.13 -12.28
C LYS A 14 4.17 26.05 -11.28
N CYS A 15 4.14 27.02 -10.37
CA CYS A 15 3.12 27.04 -9.33
C CYS A 15 2.21 28.26 -9.29
N ASP A 16 0.91 28.00 -9.14
CA ASP A 16 -0.07 29.08 -8.95
C ASP A 16 -0.06 29.23 -7.43
N GLU A 17 0.16 30.45 -6.95
CA GLU A 17 0.26 30.70 -5.52
C GLU A 17 -1.08 30.83 -4.79
N ASN A 18 -2.11 31.26 -5.49
CA ASN A 18 -3.45 31.39 -4.91
C ASN A 18 -4.11 30.01 -4.73
N SER A 19 -3.65 29.03 -5.49
CA SER A 19 -4.42 27.81 -5.63
C SER A 19 -4.77 27.25 -4.27
N PRO A 20 -6.06 26.97 -4.09
CA PRO A 20 -6.59 26.43 -2.84
C PRO A 20 -6.62 24.90 -2.82
N TYR A 21 -6.21 24.27 -3.91
CA TYR A 21 -6.22 22.81 -4.00
C TYR A 21 -4.85 22.21 -4.28
N ARG A 22 -4.67 20.97 -3.85
CA ARG A 22 -3.42 20.26 -4.06
C ARG A 22 -3.33 19.94 -5.55
N THR A 23 -2.13 19.98 -6.12
CA THR A 23 -2.01 19.59 -7.51
C THR A 23 -2.09 18.04 -7.52
N ILE A 24 -2.47 17.48 -8.67
CA ILE A 24 -2.55 16.03 -8.84
C ILE A 24 -1.16 15.39 -8.65
N THR A 25 -0.11 16.06 -9.11
CA THR A 25 1.25 15.54 -8.98
C THR A 25 1.92 15.78 -7.62
N GLY A 26 1.24 16.48 -6.73
CA GLY A 26 1.81 16.76 -5.42
C GLY A 26 2.65 18.03 -5.37
N ASP A 27 3.14 18.45 -6.53
CA ASP A 27 3.94 19.67 -6.66
C ASP A 27 3.26 20.88 -6.02
N CYS A 28 4.05 21.88 -5.65
CA CYS A 28 3.57 23.13 -5.05
C CYS A 28 2.93 23.04 -3.66
N ASN A 29 3.18 21.96 -2.94
CA ASN A 29 2.65 21.84 -1.59
C ASN A 29 3.61 22.65 -0.72
N ASN A 30 4.90 22.37 -0.89
CA ASN A 30 5.95 23.07 -0.16
C ASN A 30 6.36 24.27 -1.01
N ARG A 31 6.24 25.47 -0.44
CA ARG A 31 6.56 26.69 -1.18
C ARG A 31 8.05 26.95 -1.40
N ARG A 32 8.87 26.67 -0.37
CA ARG A 32 10.31 26.91 -0.47
C ARG A 32 10.99 25.92 -1.41
N SER A 33 10.56 24.66 -1.39
CA SER A 33 11.09 23.63 -2.29
C SER A 33 9.86 22.82 -2.76
N PRO A 34 9.26 23.25 -3.85
CA PRO A 34 7.97 22.70 -4.31
C PRO A 34 8.00 21.20 -4.59
N ALA A 35 9.11 20.68 -5.09
CA ALA A 35 9.15 19.30 -5.56
C ALA A 35 9.07 18.27 -4.39
N LEU A 36 9.03 18.76 -3.15
CA LEU A 36 8.93 17.87 -2.00
C LEU A 36 7.54 17.25 -1.86
N GLY A 37 7.52 15.91 -1.93
CA GLY A 37 6.28 15.15 -1.81
C GLY A 37 5.56 15.03 -3.13
N ALA A 38 6.30 15.18 -4.22
CA ALA A 38 5.70 15.10 -5.54
C ALA A 38 6.00 13.78 -6.23
N ALA A 39 5.02 13.29 -6.98
CA ALA A 39 5.15 12.03 -7.70
C ALA A 39 6.30 12.11 -8.70
N ASN A 40 6.83 10.95 -9.08
CA ASN A 40 7.89 10.83 -10.05
C ASN A 40 9.27 11.39 -9.68
N ARG A 41 9.54 11.55 -8.38
CA ARG A 41 10.85 11.99 -7.90
C ARG A 41 11.42 10.86 -7.03
N ALA A 42 12.69 10.97 -6.69
CA ALA A 42 13.37 9.94 -5.90
C ALA A 42 12.82 9.76 -4.51
N LEU A 43 12.88 8.53 -3.99
CA LEU A 43 12.44 8.27 -2.62
C LEU A 43 13.54 8.88 -1.75
N ALA A 44 13.20 9.36 -0.57
CA ALA A 44 14.21 9.95 0.31
C ALA A 44 15.12 8.89 0.94
N ARG A 45 16.38 9.24 1.17
CA ARG A 45 17.30 8.33 1.82
C ARG A 45 17.54 8.91 3.21
N TRP A 46 16.98 8.23 4.21
CA TRP A 46 17.15 8.61 5.61
C TRP A 46 18.56 8.19 6.01
N LEU A 47 19.09 7.18 5.32
CA LEU A 47 20.45 6.70 5.53
C LEU A 47 21.04 6.35 4.16
N PRO A 48 22.35 6.55 3.99
CA PRO A 48 23.03 6.24 2.72
C PRO A 48 22.71 4.84 2.20
N ALA A 49 22.45 4.74 0.89
CA ALA A 49 22.17 3.45 0.27
C ALA A 49 23.38 2.53 0.46
N GLU A 50 23.11 1.28 0.76
CA GLU A 50 24.17 0.29 0.94
C GLU A 50 24.09 -0.71 -0.21
N TYR A 51 25.03 -0.56 -1.14
CA TYR A 51 25.13 -1.38 -2.33
C TYR A 51 26.44 -2.13 -2.39
N GLU A 52 26.38 -3.33 -2.96
CA GLU A 52 27.54 -4.18 -3.18
C GLU A 52 28.74 -3.34 -3.69
N ASP A 53 28.53 -2.58 -4.75
CA ASP A 53 29.58 -1.75 -5.33
C ASP A 53 29.49 -0.30 -4.85
N GLY A 54 28.52 -0.03 -3.99
CA GLY A 54 28.35 1.30 -3.43
C GLY A 54 27.78 2.28 -4.43
N LEU A 55 27.30 1.76 -5.56
CA LEU A 55 26.62 2.57 -6.55
C LEU A 55 25.19 2.09 -6.81
N ALA A 56 25.02 1.14 -7.73
CA ALA A 56 23.70 0.62 -8.04
C ALA A 56 23.46 -0.88 -7.78
N LEU A 57 24.53 -1.66 -7.70
CA LEU A 57 24.41 -3.12 -7.59
C LEU A 57 23.81 -3.57 -6.27
N PRO A 58 23.05 -4.65 -6.29
CA PRO A 58 22.50 -5.17 -5.03
C PRO A 58 23.40 -6.23 -4.43
N PHE A 59 23.32 -6.38 -3.12
CA PHE A 59 24.10 -7.41 -2.44
C PHE A 59 23.48 -8.73 -2.89
N GLY A 60 24.34 -9.70 -3.21
CA GLY A 60 23.84 -10.98 -3.69
C GLY A 60 23.80 -11.00 -5.21
N TRP A 61 24.57 -10.11 -5.83
CA TRP A 61 24.63 -10.01 -7.28
C TRP A 61 25.89 -10.74 -7.73
N THR A 62 26.98 -10.49 -7.02
CA THR A 62 28.23 -11.17 -7.28
C THR A 62 28.41 -12.19 -6.17
N GLN A 63 28.55 -13.45 -6.56
CA GLN A 63 28.61 -14.54 -5.60
C GLN A 63 29.81 -14.42 -4.68
N ARG A 64 30.95 -14.07 -5.26
CA ARG A 64 32.19 -13.94 -4.51
C ARG A 64 32.11 -12.84 -3.46
N LYS A 65 31.44 -11.74 -3.80
CA LYS A 65 31.40 -10.56 -2.94
C LYS A 65 30.46 -10.80 -1.76
N THR A 66 31.00 -10.57 -0.57
CA THR A 66 30.26 -10.79 0.66
C THR A 66 29.73 -9.49 1.25
N ARG A 67 28.86 -9.61 2.26
CA ARG A 67 28.39 -8.43 3.00
C ARG A 67 28.85 -8.64 4.45
N ASN A 68 29.82 -7.86 4.88
CA ASN A 68 30.40 -7.96 6.22
C ASN A 68 31.14 -9.29 6.47
N GLY A 69 31.68 -9.87 5.41
CA GLY A 69 32.43 -11.11 5.54
C GLY A 69 31.66 -12.38 5.28
N PHE A 70 30.38 -12.23 4.98
CA PHE A 70 29.53 -13.38 4.74
C PHE A 70 28.69 -13.20 3.50
N ARG A 71 28.32 -14.33 2.90
CA ARG A 71 27.46 -14.33 1.73
C ARG A 71 26.05 -14.10 2.28
N VAL A 72 25.25 -13.34 1.53
CA VAL A 72 23.88 -13.10 1.96
C VAL A 72 23.07 -14.28 1.43
N PRO A 73 22.11 -14.76 2.22
CA PRO A 73 21.26 -15.88 1.84
C PRO A 73 20.32 -15.57 0.69
N LEU A 74 19.93 -16.60 -0.04
CA LEU A 74 18.97 -16.46 -1.12
C LEU A 74 17.64 -16.01 -0.50
N ALA A 75 16.94 -15.11 -1.19
CA ALA A 75 15.66 -14.61 -0.71
C ALA A 75 14.65 -15.73 -0.48
N ARG A 76 14.60 -16.69 -1.40
CA ARG A 76 13.68 -17.82 -1.33
C ARG A 76 14.06 -18.83 -0.23
N GLU A 77 15.36 -18.97 0.07
CA GLU A 77 15.80 -19.87 1.13
C GLU A 77 15.36 -19.30 2.49
N VAL A 78 15.47 -17.97 2.65
CA VAL A 78 15.03 -17.30 3.89
C VAL A 78 13.53 -17.56 3.99
N SER A 79 12.84 -17.34 2.87
CA SER A 79 11.40 -17.51 2.80
C SER A 79 10.96 -18.89 3.29
N ASN A 80 11.54 -19.94 2.70
CA ASN A 80 11.20 -21.31 3.05
C ASN A 80 11.51 -21.70 4.49
N LYS A 81 12.73 -21.36 4.92
CA LYS A 81 13.18 -21.64 6.27
C LYS A 81 12.36 -20.90 7.35
N ILE A 82 12.17 -19.60 7.16
CA ILE A 82 11.53 -18.78 8.18
C ILE A 82 10.11 -18.31 7.98
N VAL A 83 9.83 -17.81 6.78
CA VAL A 83 8.54 -17.18 6.47
C VAL A 83 7.36 -18.15 6.39
N GLY A 84 7.57 -19.31 5.80
CA GLY A 84 6.49 -20.25 5.56
C GLY A 84 5.89 -20.98 6.74
N TYR A 85 4.66 -21.45 6.54
CA TYR A 85 3.97 -22.33 7.46
C TYR A 85 2.83 -23.07 6.76
N LEU A 86 2.41 -24.19 7.32
CA LEU A 86 1.31 -24.99 6.80
C LEU A 86 -0.06 -24.81 7.45
N ASP A 87 -0.08 -24.84 8.78
CA ASP A 87 -1.36 -24.86 9.48
C ASP A 87 -1.95 -23.47 9.62
N GLU A 88 -3.06 -23.27 8.92
CA GLU A 88 -3.83 -22.03 8.98
C GLU A 88 -4.79 -21.98 10.18
N GLU A 89 -4.69 -22.93 11.10
CA GLU A 89 -5.54 -22.92 12.28
C GLU A 89 -4.90 -22.06 13.35
N GLY A 90 -5.75 -21.38 14.10
CA GLY A 90 -5.33 -20.50 15.20
C GLY A 90 -4.42 -19.36 14.79
N VAL A 91 -4.56 -18.94 13.53
CA VAL A 91 -3.75 -17.85 12.99
C VAL A 91 -4.45 -16.48 12.89
N LEU A 92 -5.77 -16.47 13.08
CA LEU A 92 -6.53 -15.24 12.98
C LEU A 92 -6.39 -14.34 14.20
N ASP A 93 -6.22 -13.05 13.92
CA ASP A 93 -6.07 -12.00 14.93
C ASP A 93 -7.44 -11.79 15.58
N GLN A 94 -7.56 -12.08 16.86
CA GLN A 94 -8.84 -11.96 17.56
C GLN A 94 -9.42 -10.54 17.61
N ASN A 95 -8.58 -9.54 17.77
CA ASN A 95 -9.08 -8.16 17.86
C ASN A 95 -9.00 -7.26 16.61
N ARG A 96 -8.63 -7.80 15.46
CA ARG A 96 -8.62 -6.99 14.24
C ARG A 96 -9.50 -7.54 13.13
N SER A 97 -10.36 -6.69 12.56
CA SER A 97 -11.20 -7.10 11.45
C SER A 97 -10.33 -7.18 10.20
N LEU A 98 -10.84 -7.85 9.17
CA LEU A 98 -10.08 -7.98 7.93
C LEU A 98 -9.89 -6.59 7.30
N LEU A 99 -10.79 -5.67 7.62
CA LEU A 99 -10.72 -4.28 7.13
C LEU A 99 -9.39 -3.62 7.52
N PHE A 100 -8.89 -3.99 8.69
CA PHE A 100 -7.61 -3.50 9.24
C PHE A 100 -6.50 -3.77 8.21
N MET A 101 -6.40 -5.01 7.75
CA MET A 101 -5.42 -5.33 6.73
C MET A 101 -5.71 -4.50 5.49
N GLN A 102 -6.97 -4.46 5.05
CA GLN A 102 -7.32 -3.73 3.82
C GLN A 102 -7.00 -2.25 3.79
N TRP A 103 -7.26 -1.57 4.90
CA TRP A 103 -6.99 -0.15 5.00
C TRP A 103 -5.49 0.10 4.92
N GLY A 104 -4.71 -0.82 5.51
CA GLY A 104 -3.27 -0.69 5.44
C GLY A 104 -2.75 -0.72 4.00
N GLN A 105 -3.37 -1.51 3.12
CA GLN A 105 -2.92 -1.59 1.72
C GLN A 105 -3.39 -0.37 0.93
N ILE A 106 -4.56 0.14 1.29
CA ILE A 106 -5.11 1.36 0.68
C ILE A 106 -4.14 2.51 0.98
N VAL A 107 -3.94 2.81 2.27
CA VAL A 107 -3.04 3.89 2.70
C VAL A 107 -1.68 3.70 2.08
N ASP A 108 -1.17 2.50 2.06
CA ASP A 108 0.17 2.29 1.52
C ASP A 108 0.19 2.70 0.07
N HIS A 109 -0.83 2.35 -0.67
CA HIS A 109 -0.85 2.66 -2.08
C HIS A 109 -0.87 4.15 -2.35
N ASP A 110 -1.55 4.89 -1.50
CA ASP A 110 -1.73 6.31 -1.65
C ASP A 110 -0.36 6.99 -1.53
N LEU A 111 0.49 6.42 -0.69
CA LEU A 111 1.77 7.02 -0.39
C LEU A 111 2.99 6.72 -1.22
N ASP A 112 3.17 5.45 -1.53
CA ASP A 112 4.32 5.07 -2.29
C ASP A 112 4.08 3.98 -3.31
N PHE A 113 4.78 4.12 -4.42
CA PHE A 113 4.90 3.10 -5.43
C PHE A 113 6.28 3.27 -6.03
N ALA A 114 7.01 2.17 -6.17
CA ALA A 114 8.28 2.18 -6.89
C ALA A 114 8.16 1.09 -7.96
N PRO A 115 7.56 1.44 -9.12
CA PRO A 115 7.39 0.49 -10.21
C PRO A 115 8.69 0.04 -10.89
N GLU A 116 8.61 -1.11 -11.57
CA GLU A 116 9.74 -1.72 -12.25
C GLU A 116 10.31 -0.95 -13.42
N THR A 117 11.49 -1.35 -13.87
CA THR A 117 12.17 -0.71 -14.99
C THR A 117 11.49 -0.97 -16.33
N GLU A 118 11.02 0.10 -16.97
CA GLU A 118 10.36 0.00 -18.25
C GLU A 118 11.39 0.28 -19.37
N LEU A 119 12.04 -0.77 -19.85
CA LEU A 119 13.05 -0.66 -20.90
C LEU A 119 12.79 -1.63 -22.07
N GLY A 120 11.82 -2.52 -21.88
CA GLY A 120 11.48 -3.50 -22.92
C GLY A 120 10.22 -3.23 -23.73
N SER A 121 10.41 -2.76 -24.97
CA SER A 121 9.31 -2.51 -25.91
C SER A 121 9.64 -3.37 -27.16
N ASN A 122 8.74 -4.31 -27.48
CA ASN A 122 8.91 -5.28 -28.57
C ASN A 122 10.24 -6.01 -28.28
N GLU A 123 10.42 -6.36 -27.01
CA GLU A 123 11.62 -7.01 -26.51
C GLU A 123 11.26 -8.28 -25.77
N HIS A 124 12.12 -9.29 -25.87
CA HIS A 124 11.88 -10.58 -25.26
C HIS A 124 12.52 -10.66 -23.92
N SER A 125 13.00 -9.52 -23.44
CA SER A 125 13.72 -9.47 -22.18
C SER A 125 12.88 -9.93 -21.00
N LYS A 126 11.60 -9.54 -20.96
CA LYS A 126 10.74 -9.99 -19.86
C LYS A 126 10.67 -11.52 -19.87
N THR A 127 10.97 -12.10 -21.03
CA THR A 127 10.94 -13.55 -21.18
C THR A 127 12.34 -14.17 -21.12
N GLN A 128 13.37 -13.40 -21.49
CA GLN A 128 14.75 -13.92 -21.43
C GLN A 128 15.19 -14.02 -19.96
N CYS A 129 14.57 -13.23 -19.09
CA CYS A 129 14.84 -13.28 -17.65
C CYS A 129 14.09 -14.50 -17.11
N GLU A 130 12.81 -14.59 -17.47
CA GLU A 130 11.96 -15.69 -17.01
C GLU A 130 12.33 -17.07 -17.57
N GLU A 131 12.57 -17.16 -18.87
CA GLU A 131 12.87 -18.44 -19.50
C GLU A 131 14.20 -19.08 -19.19
N TYR A 132 15.28 -18.30 -19.20
CA TYR A 132 16.59 -18.87 -18.95
C TYR A 132 17.28 -18.46 -17.64
N CYS A 133 16.57 -17.65 -16.84
CA CYS A 133 17.05 -17.18 -15.53
C CYS A 133 18.47 -16.63 -15.51
N ILE A 134 18.76 -15.74 -16.46
CA ILE A 134 20.08 -15.15 -16.53
C ILE A 134 20.04 -13.70 -16.10
N GLN A 135 20.73 -13.44 -14.98
CA GLN A 135 20.83 -12.13 -14.37
C GLN A 135 21.71 -11.20 -15.23
N GLY A 136 21.11 -10.06 -15.54
CA GLY A 136 21.80 -9.05 -16.27
C GLY A 136 21.07 -7.74 -16.29
N ASP A 137 21.78 -6.67 -16.03
CA ASP A 137 21.16 -5.38 -16.14
C ASP A 137 19.99 -5.55 -15.23
N ASN A 138 18.86 -5.00 -15.62
CA ASN A 138 17.70 -4.94 -14.74
C ASN A 138 17.14 -6.28 -14.30
N CYS A 139 17.39 -7.33 -15.08
CA CYS A 139 16.91 -8.67 -14.71
C CYS A 139 17.74 -9.19 -13.54
N PHE A 140 17.06 -9.52 -12.44
CA PHE A 140 17.70 -9.96 -11.19
C PHE A 140 16.85 -11.10 -10.62
N PRO A 141 16.89 -12.27 -11.30
CA PRO A 141 16.13 -13.46 -10.90
C PRO A 141 16.25 -13.96 -9.49
N ILE A 142 15.14 -14.44 -8.94
CA ILE A 142 15.17 -15.00 -7.60
C ILE A 142 15.37 -16.50 -7.82
N MET A 143 16.57 -16.96 -7.52
CA MET A 143 16.91 -18.36 -7.70
C MET A 143 16.38 -19.25 -6.59
N PHE A 144 16.12 -20.51 -6.91
CA PHE A 144 15.65 -21.45 -5.90
C PHE A 144 16.82 -22.12 -5.23
N PRO A 145 16.74 -22.32 -3.91
CA PRO A 145 17.78 -22.96 -3.12
C PRO A 145 17.84 -24.44 -3.56
N LYS A 146 18.63 -25.25 -2.88
CA LYS A 146 18.77 -26.67 -3.22
C LYS A 146 17.54 -27.58 -3.03
N ASN A 147 16.84 -27.39 -1.93
CA ASN A 147 15.85 -28.36 -1.44
C ASN A 147 14.42 -27.96 -1.75
N ASP A 148 14.29 -27.07 -2.72
CA ASP A 148 13.05 -26.35 -3.00
C ASP A 148 12.06 -27.08 -3.86
N PRO A 149 10.82 -27.23 -3.37
CA PRO A 149 9.79 -27.92 -4.15
C PRO A 149 9.62 -27.27 -5.52
N LYS A 150 9.58 -25.93 -5.55
CA LYS A 150 9.39 -25.19 -6.81
C LYS A 150 10.43 -25.43 -7.90
N LEU A 151 11.55 -26.00 -7.50
CA LEU A 151 12.62 -26.34 -8.44
C LEU A 151 12.10 -27.46 -9.34
N LYS A 152 11.33 -28.36 -8.73
CA LYS A 152 10.80 -29.51 -9.43
C LYS A 152 9.66 -29.29 -10.41
N THR A 153 8.88 -28.23 -10.22
CA THR A 153 7.74 -27.98 -11.10
C THR A 153 7.73 -26.66 -11.89
N GLN A 154 8.55 -25.69 -11.46
CA GLN A 154 8.60 -24.38 -12.09
C GLN A 154 9.83 -24.05 -12.96
N GLY A 155 11.02 -24.37 -12.46
CA GLY A 155 12.25 -24.03 -13.15
C GLY A 155 13.37 -23.78 -12.17
N LYS A 156 14.34 -22.98 -12.59
CA LYS A 156 15.49 -22.68 -11.75
C LYS A 156 15.30 -21.43 -10.90
N CYS A 157 14.40 -20.54 -11.35
CA CYS A 157 14.16 -19.28 -10.65
C CYS A 157 12.76 -18.71 -10.75
N MET A 158 12.59 -17.56 -10.12
CA MET A 158 11.37 -16.78 -10.20
C MET A 158 11.85 -15.47 -10.81
N PRO A 159 11.21 -15.01 -11.89
CA PRO A 159 11.61 -13.75 -12.53
C PRO A 159 11.48 -12.58 -11.58
N PHE A 160 12.40 -11.63 -11.70
CA PHE A 160 12.41 -10.42 -10.88
C PHE A 160 13.23 -9.37 -11.62
N PHE A 161 12.63 -8.19 -11.77
CA PHE A 161 13.27 -7.08 -12.45
C PHE A 161 13.46 -5.93 -11.49
N ARG A 162 14.60 -5.25 -11.63
CA ARG A 162 14.93 -4.16 -10.74
C ARG A 162 14.03 -2.94 -10.90
N ALA A 163 13.84 -2.22 -9.80
CA ALA A 163 13.00 -1.03 -9.78
C ALA A 163 13.60 0.16 -10.55
N GLY A 164 12.72 1.09 -10.94
CA GLY A 164 13.13 2.27 -11.67
C GLY A 164 13.94 3.22 -10.79
N PHE A 165 14.86 3.96 -11.42
CA PHE A 165 15.73 4.91 -10.72
C PHE A 165 15.89 6.23 -11.49
N VAL A 166 15.91 7.34 -10.76
CA VAL A 166 15.89 8.69 -11.32
C VAL A 166 17.10 9.06 -12.19
N CYS A 167 16.83 9.92 -13.18
CA CYS A 167 17.77 10.30 -14.23
C CYS A 167 17.75 9.12 -15.26
N PRO A 168 18.91 8.59 -15.64
CA PRO A 168 18.95 7.47 -16.59
C PRO A 168 18.08 6.28 -16.23
N THR A 169 17.35 5.75 -17.21
CA THR A 169 16.53 4.56 -16.96
C THR A 169 17.36 3.27 -16.81
N PRO A 170 18.47 3.12 -17.57
CA PRO A 170 19.29 1.90 -17.43
C PRO A 170 20.75 2.05 -16.94
N PRO A 171 21.47 3.11 -17.39
CA PRO A 171 22.86 3.33 -16.98
C PRO A 171 23.12 4.64 -16.22
N TYR A 172 24.01 4.61 -15.24
CA TYR A 172 24.45 5.84 -14.58
C TYR A 172 25.62 5.67 -13.60
N GLN A 173 26.30 6.78 -13.32
CA GLN A 173 27.34 6.84 -12.28
C GLN A 173 27.53 8.31 -11.88
N SER A 174 28.26 8.56 -10.79
CA SER A 174 28.72 7.54 -9.87
C SER A 174 27.93 7.60 -8.57
N LEU A 175 26.97 8.52 -8.50
CA LEU A 175 26.16 8.68 -7.30
C LEU A 175 25.25 7.48 -7.10
N ALA A 176 24.93 7.17 -5.85
CA ALA A 176 24.19 5.96 -5.52
C ALA A 176 22.80 5.95 -6.15
N ARG A 177 22.40 4.78 -6.63
CA ARG A 177 21.12 4.61 -7.33
C ARG A 177 19.92 4.94 -6.43
N GLU A 178 19.03 5.80 -6.93
CA GLU A 178 17.83 6.18 -6.14
C GLU A 178 16.53 5.82 -6.86
N GLN A 179 15.72 5.00 -6.19
CA GLN A 179 14.44 4.56 -6.74
C GLN A 179 13.38 5.66 -6.74
N ILE A 180 12.44 5.51 -7.65
CA ILE A 180 11.37 6.47 -7.81
C ILE A 180 10.09 6.15 -7.04
N ASN A 181 9.45 7.20 -6.52
CA ASN A 181 8.14 7.03 -5.90
C ASN A 181 7.23 7.65 -7.00
N ALA A 182 6.48 6.80 -7.68
CA ALA A 182 5.58 7.21 -8.76
C ALA A 182 4.26 7.82 -8.31
N VAL A 183 4.07 7.96 -7.00
CA VAL A 183 2.88 8.62 -6.48
C VAL A 183 3.28 9.70 -5.49
N THR A 184 2.31 10.49 -5.07
CA THR A 184 2.58 11.60 -4.15
C THR A 184 2.70 11.19 -2.70
N SER A 185 3.82 11.55 -2.08
CA SER A 185 4.08 11.25 -0.68
C SER A 185 2.98 11.69 0.29
N PHE A 186 2.03 12.48 -0.18
CA PHE A 186 0.96 12.98 0.68
C PHE A 186 -0.29 12.09 0.76
N LEU A 187 -0.94 12.06 1.92
CA LEU A 187 -2.18 11.29 2.10
C LEU A 187 -3.24 12.22 1.48
N ASP A 188 -3.33 12.14 0.16
CA ASP A 188 -4.20 13.03 -0.61
C ASP A 188 -5.23 12.37 -1.49
N ALA A 189 -5.44 11.07 -1.30
CA ALA A 189 -6.41 10.33 -2.09
C ALA A 189 -5.97 10.15 -3.54
N SER A 190 -4.66 10.10 -3.75
CA SER A 190 -4.10 10.00 -5.07
C SER A 190 -4.59 8.73 -5.75
N LEU A 191 -4.75 7.68 -4.97
CA LEU A 191 -5.09 6.36 -5.47
C LEU A 191 -6.49 6.38 -6.08
N VAL A 192 -7.26 7.41 -5.77
CA VAL A 192 -8.58 7.55 -6.35
C VAL A 192 -8.53 8.43 -7.60
N TYR A 193 -7.75 9.51 -7.54
CA TYR A 193 -7.67 10.50 -8.62
C TYR A 193 -6.50 10.49 -9.60
N GLY A 194 -5.40 9.86 -9.19
CA GLY A 194 -4.22 9.78 -10.03
C GLY A 194 -3.10 10.65 -9.49
N SER A 195 -1.88 10.41 -9.96
CA SER A 195 -0.72 11.20 -9.56
C SER A 195 -0.15 11.90 -10.80
N GLU A 196 -0.80 11.72 -11.94
CA GLU A 196 -0.41 12.34 -13.20
C GLU A 196 -1.68 12.97 -13.80
N PRO A 197 -1.53 14.13 -14.48
CA PRO A 197 -2.67 14.78 -15.14
C PRO A 197 -3.24 13.95 -16.29
N SEP A 198 -2.36 13.21 -16.97
CA SEP A 198 -2.72 12.33 -18.08
CB SEP A 198 -1.43 11.69 -18.60
OG SEP A 198 -0.33 12.64 -18.71
C SEP A 198 -3.71 11.31 -17.60
O SEP A 198 -4.74 11.07 -18.25
P SEP A 198 0.97 12.57 -17.74
O1P SEP A 198 2.18 13.14 -18.42
O2P SEP A 198 1.13 11.10 -17.46
O3P SEP A 198 0.49 13.42 -16.57
N LEU A 199 -3.43 10.69 -16.45
CA LEU A 199 -4.37 9.74 -15.84
C LEU A 199 -5.54 10.43 -15.15
N ALA A 200 -5.25 11.48 -14.39
CA ALA A 200 -6.27 12.22 -13.67
C ALA A 200 -7.51 12.59 -14.48
N SER A 201 -7.30 13.11 -15.69
CA SER A 201 -8.40 13.53 -16.57
C SER A 201 -9.19 12.36 -17.13
N ARG A 202 -8.48 11.30 -17.54
CA ARG A 202 -9.13 10.11 -18.09
C ARG A 202 -10.11 9.54 -17.07
N LEU A 203 -9.72 9.59 -15.80
CA LEU A 203 -10.56 9.08 -14.72
C LEU A 203 -11.81 9.92 -14.49
N ARG A 204 -11.74 11.19 -14.86
CA ARG A 204 -12.85 12.12 -14.69
C ARG A 204 -13.94 11.96 -15.74
N ASN A 205 -15.18 12.34 -15.38
CA ASN A 205 -16.24 12.43 -16.37
C ASN A 205 -16.41 13.89 -16.78
N LEU A 206 -15.91 14.24 -17.96
CA LEU A 206 -15.95 15.61 -18.43
C LEU A 206 -17.16 15.89 -19.32
N SER A 207 -17.94 14.85 -19.60
CA SER A 207 -19.12 14.99 -20.42
C SER A 207 -20.08 15.94 -19.71
N SER A 208 -20.60 15.53 -18.56
CA SER A 208 -21.50 16.40 -17.78
C SER A 208 -20.68 17.41 -16.96
N PRO A 209 -21.31 18.51 -16.51
CA PRO A 209 -20.60 19.53 -15.73
C PRO A 209 -20.90 19.33 -14.25
N LEU A 210 -21.05 18.08 -13.83
CA LEU A 210 -21.37 17.79 -12.43
C LEU A 210 -20.15 17.36 -11.59
N GLY A 211 -18.97 17.44 -12.20
CA GLY A 211 -17.74 17.10 -11.50
C GLY A 211 -17.68 15.70 -10.93
N LEU A 212 -18.28 14.75 -11.64
CA LEU A 212 -18.29 13.37 -11.21
C LEU A 212 -17.09 12.64 -11.79
N MET A 213 -16.76 11.50 -11.18
CA MET A 213 -15.66 10.67 -11.64
C MET A 213 -16.29 9.65 -12.59
N ALA A 214 -15.63 9.41 -13.72
CA ALA A 214 -16.12 8.47 -14.74
C ALA A 214 -16.41 7.10 -14.16
N VAL A 215 -17.60 6.59 -14.43
CA VAL A 215 -18.01 5.28 -13.93
C VAL A 215 -18.14 4.22 -15.02
N ASN A 216 -18.64 3.04 -14.65
CA ASN A 216 -18.79 1.96 -15.60
C ASN A 216 -20.14 2.04 -16.30
N GLN A 217 -20.14 1.74 -17.59
CA GLN A 217 -21.36 1.81 -18.38
C GLN A 217 -21.78 0.42 -18.83
N GLU A 218 -20.90 -0.55 -18.63
CA GLU A 218 -21.21 -1.93 -19.01
C GLU A 218 -21.81 -2.74 -17.87
N ALA A 219 -21.71 -2.26 -16.63
CA ALA A 219 -22.26 -2.98 -15.48
C ALA A 219 -22.52 -2.12 -14.25
N TRP A 220 -23.55 -2.49 -13.48
CA TRP A 220 -23.88 -1.76 -12.25
C TRP A 220 -24.02 -2.69 -11.04
N ASP A 221 -24.12 -2.07 -9.85
CA ASP A 221 -24.22 -2.81 -8.58
C ASP A 221 -25.49 -2.33 -7.88
N HIS A 222 -26.64 -2.85 -8.35
CA HIS A 222 -27.97 -2.49 -7.84
C HIS A 222 -28.12 -0.97 -7.91
N GLY A 223 -27.84 -0.42 -9.09
CA GLY A 223 -27.94 1.02 -9.29
C GLY A 223 -26.73 1.77 -8.76
N LEU A 224 -25.78 1.05 -8.17
CA LEU A 224 -24.58 1.70 -7.65
C LEU A 224 -23.43 1.44 -8.62
N ALA A 225 -22.50 2.38 -8.65
CA ALA A 225 -21.39 2.35 -9.59
C ALA A 225 -20.22 1.41 -9.35
N TYR A 226 -19.55 1.08 -10.44
CA TYR A 226 -18.32 0.31 -10.40
C TYR A 226 -17.32 1.22 -11.09
N LEU A 227 -16.05 1.08 -10.73
CA LEU A 227 -15.01 1.87 -11.37
C LEU A 227 -15.02 1.42 -12.84
N PRO A 228 -14.56 2.28 -13.75
CA PRO A 228 -14.52 1.95 -15.19
C PRO A 228 -13.50 0.85 -15.46
N PHE A 229 -13.68 0.09 -16.53
CA PHE A 229 -12.72 -0.92 -16.88
C PHE A 229 -11.53 -0.21 -17.53
N ASN A 230 -10.37 -0.81 -17.43
CA ASN A 230 -9.21 -0.31 -18.14
C ASN A 230 -9.10 -1.18 -19.36
N ASN A 231 -9.13 -0.56 -20.52
CA ASN A 231 -9.26 -1.30 -21.77
C ASN A 231 -7.93 -1.70 -22.36
N LYS A 232 -6.85 -1.42 -21.64
CA LYS A 232 -5.54 -1.84 -22.09
C LYS A 232 -5.44 -3.36 -22.15
N LYS A 233 -4.87 -3.84 -23.23
CA LYS A 233 -4.62 -5.26 -23.50
C LYS A 233 -3.09 -5.39 -23.58
N PRO A 234 -2.52 -6.43 -22.95
CA PRO A 234 -3.18 -7.49 -22.17
C PRO A 234 -3.52 -7.21 -20.70
N SER A 235 -4.69 -7.67 -20.28
CA SER A 235 -5.14 -7.55 -18.89
C SER A 235 -4.99 -8.91 -18.18
N PRO A 236 -4.51 -8.90 -16.92
CA PRO A 236 -4.35 -10.15 -16.16
C PRO A 236 -5.72 -10.53 -15.59
N CYS A 237 -6.62 -9.55 -15.49
CA CYS A 237 -7.94 -9.82 -14.95
C CYS A 237 -8.73 -10.63 -15.95
N GLU A 238 -8.34 -10.55 -17.22
CA GLU A 238 -8.96 -11.34 -18.29
C GLU A 238 -8.19 -12.67 -18.37
N PHE A 239 -6.89 -12.63 -18.13
CA PHE A 239 -6.03 -13.81 -18.20
C PHE A 239 -6.38 -14.87 -17.13
N ILE A 240 -6.76 -14.43 -15.93
CA ILE A 240 -7.13 -15.36 -14.89
C ILE A 240 -8.37 -16.18 -15.27
N ASN A 241 -9.37 -15.53 -15.86
CA ASN A 241 -10.44 -16.24 -16.52
C ASN A 241 -10.59 -15.73 -17.95
N THR A 242 -10.36 -16.59 -18.94
CA THR A 242 -10.46 -16.18 -20.33
C THR A 242 -11.87 -16.34 -20.88
N THR A 243 -12.70 -17.02 -20.11
CA THR A 243 -14.09 -17.28 -20.47
C THR A 243 -14.92 -16.08 -20.03
N ALA A 244 -14.69 -15.61 -18.80
CA ALA A 244 -15.44 -14.47 -18.27
C ALA A 244 -15.06 -13.16 -18.98
N ARG A 245 -13.83 -13.08 -19.44
CA ARG A 245 -13.35 -11.89 -20.14
C ARG A 245 -13.73 -10.59 -19.47
N VAL A 246 -13.36 -10.43 -18.19
CA VAL A 246 -13.65 -9.18 -17.48
C VAL A 246 -12.29 -8.54 -17.17
N PRO A 247 -12.02 -7.36 -17.75
CA PRO A 247 -10.75 -6.68 -17.53
C PRO A 247 -10.59 -6.00 -16.19
N CYS A 248 -9.36 -5.56 -15.90
CA CYS A 248 -9.07 -4.87 -14.64
C CYS A 248 -9.70 -3.48 -14.62
N PHE A 249 -9.85 -2.93 -13.42
CA PHE A 249 -10.46 -1.60 -13.27
C PHE A 249 -9.47 -0.47 -13.52
N LEU A 250 -10.01 0.73 -13.71
CA LEU A 250 -9.19 1.91 -13.90
C LEU A 250 -9.42 2.82 -12.70
N ALA A 251 -8.36 3.02 -11.92
CA ALA A 251 -8.42 3.86 -10.73
C ALA A 251 -7.24 4.81 -10.72
N GLY A 252 -7.21 5.70 -9.74
CA GLY A 252 -6.13 6.67 -9.60
C GLY A 252 -4.79 6.00 -9.35
N ASP A 253 -4.83 4.75 -8.86
CA ASP A 253 -3.60 3.99 -8.63
C ASP A 253 -3.60 2.74 -9.52
N PHE A 254 -2.44 2.44 -10.08
CA PHE A 254 -2.26 1.30 -10.96
C PHE A 254 -2.64 -0.08 -10.40
N ARG A 255 -2.31 -0.32 -9.14
CA ARG A 255 -2.50 -1.63 -8.48
C ARG A 255 -3.86 -2.03 -7.96
N ALA A 256 -4.87 -1.22 -8.26
CA ALA A 256 -6.21 -1.44 -7.76
C ALA A 256 -6.86 -2.80 -7.88
N SER A 257 -6.51 -3.59 -8.86
CA SER A 257 -7.17 -4.84 -9.03
C SER A 257 -6.35 -6.03 -8.63
N GLU A 258 -5.29 -5.82 -7.87
CA GLU A 258 -4.41 -6.90 -7.50
C GLU A 258 -5.11 -8.00 -6.77
N GLN A 259 -6.00 -7.61 -5.86
CA GLN A 259 -6.83 -8.55 -5.14
C GLN A 259 -8.23 -7.97 -5.03
N ILE A 260 -9.21 -8.86 -5.16
CA ILE A 260 -10.62 -8.47 -5.09
C ILE A 260 -11.03 -7.51 -3.99
N LEU A 261 -10.47 -7.65 -2.79
CA LEU A 261 -10.82 -6.80 -1.67
C LEU A 261 -10.27 -5.37 -1.76
N LEU A 262 -9.14 -5.20 -2.43
CA LEU A 262 -8.55 -3.86 -2.62
C LEU A 262 -9.43 -3.19 -3.67
N ALA A 263 -9.67 -3.88 -4.78
CA ALA A 263 -10.54 -3.36 -5.86
C ALA A 263 -11.86 -2.93 -5.23
N THR A 264 -12.32 -3.72 -4.26
CA THR A 264 -13.57 -3.47 -3.53
C THR A 264 -13.51 -2.14 -2.80
N ALA A 265 -12.43 -1.96 -2.03
CA ALA A 265 -12.23 -0.72 -1.27
C ALA A 265 -12.08 0.46 -2.22
N HIS A 266 -11.53 0.20 -3.40
CA HIS A 266 -11.37 1.25 -4.41
C HIS A 266 -12.77 1.64 -4.92
N THR A 267 -13.66 0.66 -5.04
CA THR A 267 -15.02 0.95 -5.49
C THR A 267 -15.76 1.80 -4.46
N LEU A 268 -15.56 1.52 -3.17
CA LEU A 268 -16.20 2.32 -2.14
C LEU A 268 -15.76 3.79 -2.18
N LEU A 269 -14.50 4.04 -2.55
CA LEU A 269 -13.98 5.40 -2.60
C LEU A 269 -14.57 6.24 -3.73
N LEU A 270 -14.52 5.74 -4.95
CA LEU A 270 -15.11 6.44 -6.09
C LEU A 270 -16.55 6.87 -5.75
N ARG A 271 -17.35 5.93 -5.25
CA ARG A 271 -18.74 6.20 -4.92
C ARG A 271 -18.91 7.39 -3.99
N GLU A 272 -18.20 7.38 -2.87
CA GLU A 272 -18.29 8.46 -1.91
C GLU A 272 -17.90 9.79 -2.54
N HIS A 273 -17.12 9.76 -3.62
CA HIS A 273 -16.73 11.01 -4.28
C HIS A 273 -17.91 11.51 -5.11
N ASN A 274 -18.48 10.62 -5.90
CA ASN A 274 -19.63 10.95 -6.74
C ASN A 274 -20.79 11.38 -5.83
N ARG A 275 -21.01 10.65 -4.73
CA ARG A 275 -22.05 11.00 -3.78
C ARG A 275 -21.80 12.39 -3.18
N LEU A 276 -20.54 12.77 -3.07
CA LEU A 276 -20.18 14.06 -2.50
C LEU A 276 -20.39 15.20 -3.49
N ALA A 277 -20.10 14.96 -4.76
CA ALA A 277 -20.27 15.97 -5.79
C ALA A 277 -21.75 16.24 -6.07
N ARG A 278 -22.59 15.22 -5.83
CA ARG A 278 -24.03 15.35 -6.02
C ARG A 278 -24.65 16.23 -4.92
N GLU A 279 -24.20 16.07 -3.68
CA GLU A 279 -24.70 16.89 -2.58
C GLU A 279 -24.24 18.36 -2.72
N LEU A 280 -23.02 18.55 -3.21
CA LEU A 280 -22.47 19.90 -3.40
C LEU A 280 -23.27 20.60 -4.51
N LYS A 281 -23.67 19.83 -5.53
CA LYS A 281 -24.48 20.38 -6.62
C LYS A 281 -25.78 20.92 -5.99
N LYS A 282 -26.43 20.11 -5.16
CA LYS A 282 -27.71 20.50 -4.57
C LYS A 282 -27.68 21.73 -3.67
N LEU A 283 -26.68 21.85 -2.81
CA LEU A 283 -26.51 23.06 -1.99
C LEU A 283 -25.85 24.22 -2.73
N ASN A 284 -24.98 23.94 -3.69
CA ASN A 284 -24.29 24.98 -4.46
C ASN A 284 -24.52 24.73 -5.97
N PRO A 285 -25.74 25.02 -6.47
CA PRO A 285 -26.06 24.82 -7.89
C PRO A 285 -25.30 25.73 -8.84
N HIS A 286 -24.77 26.82 -8.29
CA HIS A 286 -24.00 27.77 -9.10
C HIS A 286 -22.57 27.28 -9.34
N TRP A 287 -22.11 26.35 -8.50
CA TRP A 287 -20.76 25.78 -8.63
C TRP A 287 -20.60 24.96 -9.90
N ASN A 288 -19.51 25.22 -10.63
CA ASN A 288 -19.24 24.52 -11.89
C ASN A 288 -18.58 23.14 -11.73
N GLY A 289 -18.37 22.48 -12.87
CA GLY A 289 -17.75 21.16 -12.88
C GLY A 289 -16.48 20.99 -12.07
N GLU A 290 -15.43 21.67 -12.48
CA GLU A 290 -14.12 21.62 -11.79
C GLU A 290 -14.22 21.88 -10.29
N LYS A 291 -15.02 22.87 -9.91
CA LYS A 291 -15.21 23.24 -8.51
C LYS A 291 -15.86 22.09 -7.72
N LEU A 292 -16.86 21.43 -8.31
CA LEU A 292 -17.54 20.31 -7.66
C LEU A 292 -16.54 19.15 -7.46
N TYR A 293 -15.76 18.89 -8.51
CA TYR A 293 -14.73 17.85 -8.47
C TYR A 293 -13.75 18.19 -7.33
N GLN A 294 -13.08 19.33 -7.45
CA GLN A 294 -12.07 19.75 -6.48
C GLN A 294 -12.51 19.75 -5.01
N GLU A 295 -13.71 20.28 -4.72
CA GLU A 295 -14.20 20.30 -3.34
C GLU A 295 -14.46 18.87 -2.83
N ALA A 296 -15.03 18.01 -3.68
CA ALA A 296 -15.28 16.60 -3.33
C ALA A 296 -13.93 15.89 -3.06
N ARG A 297 -12.96 16.13 -3.96
CA ARG A 297 -11.61 15.57 -3.85
C ARG A 297 -10.97 16.04 -2.55
N LYS A 298 -11.22 17.29 -2.20
CA LYS A 298 -10.69 17.87 -0.98
C LYS A 298 -11.25 17.14 0.24
N ILE A 299 -12.54 16.84 0.22
CA ILE A 299 -13.20 16.16 1.33
C ILE A 299 -12.78 14.69 1.49
N LEU A 300 -12.60 13.99 0.37
CA LEU A 300 -12.20 12.58 0.40
C LEU A 300 -10.78 12.40 0.95
N GLY A 301 -9.86 13.30 0.58
CA GLY A 301 -8.50 13.22 1.07
C GLY A 301 -8.45 13.52 2.55
N ALA A 302 -9.45 14.26 3.03
CA ALA A 302 -9.52 14.60 4.46
C ALA A 302 -10.06 13.36 5.18
N PHE A 303 -11.02 12.69 4.55
CA PHE A 303 -11.61 11.47 5.12
C PHE A 303 -10.52 10.41 5.33
N ILE A 304 -9.65 10.22 4.33
CA ILE A 304 -8.60 9.22 4.43
C ILE A 304 -7.59 9.58 5.51
N GLN A 305 -7.41 10.88 5.73
CA GLN A 305 -6.48 11.34 6.76
C GLN A 305 -7.02 11.08 8.17
N ILE A 306 -8.31 11.30 8.37
CA ILE A 306 -8.90 11.09 9.69
C ILE A 306 -8.92 9.60 10.01
N ILE A 307 -9.44 8.77 9.11
CA ILE A 307 -9.46 7.34 9.38
C ILE A 307 -8.05 6.81 9.69
N THR A 308 -7.10 7.05 8.78
CA THR A 308 -5.73 6.58 8.97
C THR A 308 -5.09 7.06 10.26
N PHE A 309 -5.23 8.34 10.55
CA PHE A 309 -4.60 8.89 11.73
C PHE A 309 -5.34 8.82 13.06
N ARG A 310 -6.67 8.75 13.01
CA ARG A 310 -7.44 8.65 14.25
C ARG A 310 -7.77 7.20 14.59
N ASP A 311 -8.27 6.45 13.61
CA ASP A 311 -8.68 5.08 13.83
C ASP A 311 -7.68 3.98 13.51
N TYR A 312 -6.90 4.16 12.44
CA TYR A 312 -5.97 3.14 12.01
C TYR A 312 -4.60 3.11 12.66
N LEU A 313 -3.88 4.24 12.63
CA LEU A 313 -2.52 4.28 13.22
C LEU A 313 -2.39 3.91 14.70
N PRO A 314 -3.31 4.38 15.57
CA PRO A 314 -3.19 4.02 16.98
C PRO A 314 -3.24 2.49 17.20
N ILE A 315 -3.93 1.76 16.32
CA ILE A 315 -4.00 0.31 16.53
C ILE A 315 -2.91 -0.45 15.77
N VAL A 316 -2.06 0.30 15.04
CA VAL A 316 -0.90 -0.32 14.42
C VAL A 316 0.25 -0.02 15.39
N LEU A 317 0.38 1.25 15.81
CA LEU A 317 1.48 1.64 16.70
C LEU A 317 1.22 1.42 18.20
N GLY A 318 -0.04 1.54 18.61
CA GLY A 318 -0.40 1.30 20.00
C GLY A 318 0.27 2.18 21.02
N SER A 319 1.08 1.57 21.88
CA SER A 319 1.76 2.31 22.93
C SER A 319 2.74 3.33 22.36
N GLU A 320 3.38 2.98 21.25
CA GLU A 320 4.38 3.84 20.62
C GLU A 320 3.82 5.01 19.81
N MET A 321 2.49 5.12 19.74
CA MET A 321 1.86 6.17 18.93
C MET A 321 2.10 7.64 19.30
N GLN A 322 1.97 8.00 20.58
CA GLN A 322 2.33 9.34 21.06
C GLN A 322 3.82 9.66 21.01
N LYS A 323 4.65 8.66 21.28
CA LYS A 323 6.08 8.83 21.21
C LYS A 323 6.50 9.42 19.86
N TRP A 324 5.75 9.08 18.81
CA TRP A 324 6.08 9.49 17.43
C TRP A 324 5.12 10.40 16.72
N ILE A 325 3.85 10.30 17.07
CA ILE A 325 2.83 11.13 16.48
C ILE A 325 2.04 11.79 17.59
N PRO A 326 2.61 12.88 18.19
CA PRO A 326 2.01 13.66 19.28
C PRO A 326 0.99 14.58 18.60
N PRO A 327 -0.12 14.91 19.31
CA PRO A 327 -1.14 15.78 18.70
C PRO A 327 -0.67 16.85 17.71
N TYR A 328 -1.46 17.05 16.66
CA TYR A 328 -1.14 18.01 15.61
C TYR A 328 -0.82 19.39 16.19
N GLN A 329 0.25 20.00 15.67
CA GLN A 329 0.71 21.32 16.10
C GLN A 329 0.84 22.26 14.90
N GLY A 330 0.23 21.88 13.77
CA GLY A 330 0.26 22.69 12.57
C GLY A 330 1.35 22.43 11.55
N TYR A 331 1.12 22.92 10.33
CA TYR A 331 2.05 22.78 9.22
C TYR A 331 3.44 23.34 9.57
N ASN A 332 4.47 22.57 9.22
CA ASN A 332 5.85 22.98 9.46
C ASN A 332 6.63 22.87 8.14
N ASN A 333 6.86 24.01 7.48
CA ASN A 333 7.54 24.01 6.19
C ASN A 333 8.94 23.39 6.12
N SER A 334 9.53 23.13 7.27
CA SER A 334 10.87 22.55 7.33
C SER A 334 10.81 21.03 7.35
N VAL A 335 9.60 20.50 7.53
CA VAL A 335 9.42 19.06 7.57
C VAL A 335 9.36 18.47 6.16
N ASP A 336 10.21 17.46 5.95
CA ASP A 336 10.27 16.72 4.70
C ASP A 336 9.07 15.77 4.70
N PRO A 337 8.18 15.87 3.70
CA PRO A 337 7.03 14.97 3.69
C PRO A 337 7.22 13.82 2.70
N ARG A 338 8.42 13.70 2.14
CA ARG A 338 8.71 12.63 1.18
C ARG A 338 8.71 11.25 1.85
N ILE A 339 8.22 10.26 1.11
CA ILE A 339 8.26 8.91 1.66
C ILE A 339 9.72 8.45 1.50
N SER A 340 10.26 7.86 2.56
CA SER A 340 11.63 7.37 2.52
C SER A 340 11.60 6.00 1.86
N ASN A 341 12.76 5.55 1.39
CA ASN A 341 12.83 4.27 0.71
C ASN A 341 12.52 3.10 1.67
N VAL A 342 12.98 3.17 2.91
CA VAL A 342 12.80 2.09 3.87
C VAL A 342 11.35 1.91 4.36
N PHE A 343 10.58 2.99 4.33
CA PHE A 343 9.17 2.93 4.72
C PHE A 343 8.42 2.02 3.73
N THR A 344 8.83 2.03 2.46
CA THR A 344 8.15 1.21 1.47
C THR A 344 8.39 -0.26 1.79
N PHE A 345 9.27 -0.50 2.77
CA PHE A 345 9.56 -1.86 3.21
C PHE A 345 9.01 -2.04 4.64
N ALA A 346 9.07 -0.99 5.45
CA ALA A 346 8.55 -1.06 6.82
C ALA A 346 7.09 -1.41 6.73
N PHE A 347 6.38 -0.69 5.86
CA PHE A 347 4.96 -0.88 5.66
C PHE A 347 4.53 -2.25 5.12
N ARG A 348 5.49 -3.04 4.69
CA ARG A 348 5.15 -4.30 4.07
C ARG A 348 4.68 -5.23 5.18
N PHE A 349 4.62 -4.72 6.41
CA PHE A 349 4.30 -5.59 7.56
C PHE A 349 2.93 -6.19 7.30
N GLY A 350 2.16 -5.50 6.47
CA GLY A 350 0.78 -5.85 6.20
C GLY A 350 0.66 -7.22 5.55
N HIS A 351 1.75 -7.68 4.96
CA HIS A 351 1.78 -8.95 4.28
C HIS A 351 1.50 -10.06 5.25
N MET A 352 2.04 -9.93 6.45
CA MET A 352 1.82 -10.89 7.52
C MET A 352 0.38 -10.95 7.98
N GLU A 353 -0.36 -9.86 7.75
CA GLU A 353 -1.75 -9.76 8.20
C GLU A 353 -2.79 -10.32 7.21
N VAL A 354 -2.33 -10.77 6.05
CA VAL A 354 -3.21 -11.30 5.02
C VAL A 354 -3.54 -12.77 5.31
N PRO A 355 -4.84 -13.10 5.46
CA PRO A 355 -5.29 -14.47 5.73
C PRO A 355 -5.44 -15.23 4.41
N SER A 356 -5.47 -16.55 4.52
CA SER A 356 -5.54 -17.45 3.36
C SER A 356 -6.84 -17.53 2.57
N THR A 357 -7.93 -16.99 3.10
CA THR A 357 -9.22 -17.02 2.40
C THR A 357 -10.02 -15.71 2.50
N VAL A 358 -11.00 -15.57 1.62
CA VAL A 358 -11.90 -14.42 1.61
C VAL A 358 -13.33 -14.96 1.50
N SER A 359 -14.26 -14.34 2.23
CA SER A 359 -15.66 -14.78 2.24
C SER A 359 -16.66 -13.77 1.68
N ARG A 360 -17.86 -14.26 1.37
CA ARG A 360 -18.97 -13.43 0.90
C ARG A 360 -20.11 -13.70 1.90
N LEU A 361 -20.78 -12.63 2.34
CA LEU A 361 -21.84 -12.74 3.36
C LEU A 361 -23.17 -12.06 3.03
N ASP A 362 -24.27 -12.74 3.34
CA ASP A 362 -25.64 -12.23 3.19
C ASP A 362 -26.12 -11.35 4.36
N GLU A 363 -27.30 -10.72 4.20
CA GLU A 363 -27.82 -9.80 5.20
C GLU A 363 -27.74 -10.24 6.66
N ASN A 364 -27.70 -11.55 6.90
CA ASN A 364 -27.58 -12.06 8.27
C ASN A 364 -26.11 -12.46 8.52
N TYR A 365 -25.23 -12.01 7.63
CA TYR A 365 -23.79 -12.26 7.68
C TYR A 365 -23.44 -13.74 7.71
N GLN A 366 -24.19 -14.51 6.92
CA GLN A 366 -24.00 -15.95 6.80
C GLN A 366 -23.42 -16.22 5.41
N PRO A 367 -22.71 -17.35 5.24
CA PRO A 367 -22.12 -17.67 3.94
C PRO A 367 -23.04 -17.35 2.78
N TRP A 368 -22.58 -16.49 1.88
CA TRP A 368 -23.37 -16.12 0.71
C TRP A 368 -23.14 -17.14 -0.39
N GLY A 369 -24.02 -18.12 -0.48
CA GLY A 369 -23.94 -19.15 -1.50
C GLY A 369 -23.02 -20.32 -1.19
N PRO A 370 -22.95 -21.27 -2.11
CA PRO A 370 -22.18 -22.51 -1.93
C PRO A 370 -20.66 -22.32 -1.78
N GLU A 371 -20.07 -21.44 -2.58
CA GLU A 371 -18.61 -21.25 -2.54
C GLU A 371 -18.15 -20.01 -1.76
N ALA A 372 -18.98 -19.55 -0.83
CA ALA A 372 -18.87 -18.22 -0.24
C ALA A 372 -17.45 -17.91 0.22
N GLU A 373 -16.78 -18.93 0.75
CA GLU A 373 -15.41 -18.78 1.21
C GLU A 373 -14.47 -19.32 0.14
N LEU A 374 -13.60 -18.45 -0.36
CA LEU A 374 -12.67 -18.80 -1.43
C LEU A 374 -11.23 -18.59 -1.02
N PRO A 375 -10.28 -19.31 -1.68
CA PRO A 375 -8.86 -19.16 -1.33
C PRO A 375 -8.38 -17.81 -1.89
N LEU A 376 -7.47 -17.16 -1.18
CA LEU A 376 -6.95 -15.87 -1.61
C LEU A 376 -6.31 -15.88 -2.99
N HIS A 377 -5.54 -16.92 -3.31
CA HIS A 377 -4.87 -16.91 -4.60
C HIS A 377 -5.80 -16.92 -5.83
N THR A 378 -7.05 -17.32 -5.65
CA THR A 378 -8.01 -17.32 -6.76
C THR A 378 -8.59 -15.92 -6.93
N LEU A 379 -8.11 -14.97 -6.13
CA LEU A 379 -8.63 -13.62 -6.19
C LEU A 379 -7.62 -12.56 -6.68
N PHE A 380 -6.39 -12.97 -6.94
CA PHE A 380 -5.40 -12.05 -7.48
C PHE A 380 -5.89 -11.70 -8.91
N PHE A 381 -6.04 -10.39 -9.16
CA PHE A 381 -6.51 -9.83 -10.43
C PHE A 381 -7.82 -10.42 -10.93
N ASN A 382 -8.72 -10.65 -9.98
CA ASN A 382 -10.02 -11.24 -10.23
C ASN A 382 -11.09 -10.18 -10.02
N THR A 383 -11.52 -9.58 -11.12
CA THR A 383 -12.56 -8.55 -11.10
C THR A 383 -13.92 -9.15 -11.47
N TRP A 384 -13.91 -10.36 -12.02
CA TRP A 384 -15.16 -11.01 -12.42
C TRP A 384 -16.01 -11.49 -11.25
N ARG A 385 -15.36 -11.95 -10.18
CA ARG A 385 -16.12 -12.42 -9.01
C ARG A 385 -16.93 -11.26 -8.40
N ILE A 386 -16.68 -10.02 -8.84
CA ILE A 386 -17.46 -8.88 -8.34
C ILE A 386 -18.61 -8.57 -9.32
N ILE A 387 -18.30 -8.54 -10.61
CA ILE A 387 -19.30 -8.24 -11.63
C ILE A 387 -20.31 -9.38 -11.84
N LYS A 388 -19.79 -10.57 -12.13
CA LYS A 388 -20.64 -11.72 -12.38
C LYS A 388 -21.01 -12.48 -11.10
N ASP A 389 -20.47 -12.07 -9.97
CA ASP A 389 -20.76 -12.77 -8.73
C ASP A 389 -21.12 -11.90 -7.52
N GLY A 390 -22.26 -11.20 -7.60
CA GLY A 390 -22.85 -10.51 -6.46
C GLY A 390 -22.42 -9.11 -6.02
N GLY A 391 -21.53 -8.46 -6.75
CA GLY A 391 -21.15 -7.09 -6.41
C GLY A 391 -20.22 -6.99 -5.20
N ILE A 392 -20.11 -5.80 -4.61
CA ILE A 392 -19.23 -5.62 -3.45
C ILE A 392 -19.90 -5.85 -2.09
N ASP A 393 -21.21 -5.75 -2.01
CA ASP A 393 -21.89 -5.74 -0.72
C ASP A 393 -21.58 -7.00 0.10
N PRO A 394 -21.53 -8.16 -0.53
CA PRO A 394 -21.14 -9.39 0.18
C PRO A 394 -19.67 -9.35 0.66
N LEU A 395 -18.79 -8.79 -0.18
CA LEU A 395 -17.37 -8.73 0.14
C LEU A 395 -17.08 -7.72 1.26
N VAL A 396 -17.81 -6.61 1.24
CA VAL A 396 -17.69 -5.56 2.25
C VAL A 396 -18.22 -6.11 3.60
N ARG A 397 -19.04 -7.17 3.54
CA ARG A 397 -19.52 -7.77 4.80
C ARG A 397 -18.40 -8.68 5.33
N GLY A 398 -17.78 -9.45 4.45
CA GLY A 398 -16.67 -10.30 4.88
C GLY A 398 -15.67 -9.44 5.66
N LEU A 399 -15.24 -8.35 5.02
CA LEU A 399 -14.32 -7.37 5.60
C LEU A 399 -14.69 -6.88 7.01
N LEU A 400 -15.97 -6.86 7.36
CA LEU A 400 -16.36 -6.41 8.69
C LEU A 400 -16.42 -7.55 9.69
N ALA A 401 -16.94 -8.70 9.23
CA ALA A 401 -17.12 -9.86 10.09
C ALA A 401 -15.99 -10.87 10.20
N LYS A 402 -14.98 -10.75 9.35
CA LYS A 402 -13.88 -11.69 9.44
C LYS A 402 -12.64 -11.05 10.05
N LYS A 403 -11.64 -11.87 10.33
CA LYS A 403 -10.42 -11.37 10.95
C LYS A 403 -9.21 -11.31 10.04
N SER A 404 -8.27 -10.44 10.39
CA SER A 404 -7.04 -10.32 9.64
C SER A 404 -6.20 -11.44 10.21
N LYS A 405 -5.14 -11.79 9.50
CA LYS A 405 -4.23 -12.80 10.04
C LYS A 405 -3.42 -12.07 11.12
N LEU A 406 -3.05 -12.78 12.18
CA LEU A 406 -2.21 -12.18 13.20
C LEU A 406 -0.78 -12.54 12.80
N MET A 407 0.15 -11.59 12.91
CA MET A 407 1.54 -11.87 12.58
C MET A 407 1.97 -12.89 13.63
N ASN A 408 2.79 -13.83 13.22
CA ASN A 408 3.20 -14.95 14.07
C ASN A 408 4.63 -15.29 13.70
N GLN A 409 5.48 -15.47 14.71
CA GLN A 409 6.89 -15.73 14.51
C GLN A 409 7.26 -17.00 13.77
N ASP A 410 6.43 -18.03 13.95
CA ASP A 410 6.56 -19.28 13.21
C ASP A 410 5.52 -19.40 12.10
N LYS A 411 4.60 -18.44 12.01
CA LYS A 411 3.68 -18.38 10.87
C LYS A 411 3.56 -16.97 10.30
N MET A 412 4.63 -16.43 9.75
CA MET A 412 4.60 -15.07 9.22
C MET A 412 3.77 -14.75 7.98
N VAL A 413 3.88 -15.58 6.95
CA VAL A 413 3.24 -15.29 5.67
C VAL A 413 2.53 -16.50 5.11
N THR A 414 1.29 -16.33 4.66
CA THR A 414 0.52 -17.46 4.16
C THR A 414 1.00 -17.92 2.80
N SER A 415 0.83 -19.20 2.52
CA SER A 415 1.29 -19.74 1.24
C SER A 415 0.61 -19.17 0.02
N GLU A 416 -0.58 -18.61 0.23
CA GLU A 416 -1.33 -18.02 -0.86
C GLU A 416 -0.45 -16.94 -1.50
N LEU A 417 0.31 -16.23 -0.66
CA LEU A 417 1.21 -15.16 -1.10
C LEU A 417 2.66 -15.67 -1.22
N ARG A 418 3.03 -16.58 -0.33
CA ARG A 418 4.37 -17.16 -0.34
C ARG A 418 4.67 -18.04 -1.55
N ASN A 419 3.71 -18.88 -1.95
CA ASN A 419 3.92 -19.79 -3.07
C ASN A 419 3.00 -19.58 -4.27
N LYS A 420 1.87 -18.92 -4.05
CA LYS A 420 0.80 -18.88 -5.04
C LYS A 420 0.49 -17.51 -5.66
N LEU A 421 1.39 -16.55 -5.52
CA LEU A 421 1.11 -15.21 -6.00
C LEU A 421 1.13 -15.12 -7.52
N PHE A 422 0.17 -14.41 -8.08
CA PHE A 422 0.13 -14.23 -9.52
C PHE A 422 0.74 -12.86 -9.82
N GLN A 423 1.56 -12.79 -10.86
CA GLN A 423 2.16 -11.55 -11.35
C GLN A 423 1.86 -11.40 -12.84
N PRO A 424 1.42 -10.19 -13.25
CA PRO A 424 1.11 -9.99 -14.66
C PRO A 424 2.28 -10.40 -15.58
N THR A 425 1.89 -10.88 -16.74
CA THR A 425 2.78 -11.29 -17.83
C THR A 425 3.54 -12.51 -17.52
N HIS A 426 3.33 -13.01 -16.31
CA HIS A 426 3.77 -14.33 -15.90
C HIS A 426 2.55 -15.16 -15.62
N LYS A 427 2.48 -16.34 -16.25
CA LYS A 427 1.27 -17.18 -16.22
C LYS A 427 0.81 -17.79 -14.89
N ILE A 428 1.75 -18.29 -14.10
CA ILE A 428 1.43 -19.11 -12.94
C ILE A 428 0.98 -18.41 -11.65
N HIS A 429 0.19 -19.10 -10.84
CA HIS A 429 -0.09 -18.66 -9.48
C HIS A 429 1.01 -19.38 -8.71
N GLY A 430 2.25 -19.00 -9.01
CA GLY A 430 3.38 -19.66 -8.37
C GLY A 430 4.53 -18.80 -7.91
N PHE A 431 4.21 -17.60 -7.46
CA PHE A 431 5.20 -16.65 -6.98
C PHE A 431 5.22 -16.50 -5.47
N ASP A 432 6.27 -15.86 -4.98
CA ASP A 432 6.48 -15.67 -3.54
C ASP A 432 6.63 -14.21 -3.15
N LEU A 433 5.65 -13.67 -2.43
CA LEU A 433 5.72 -12.28 -2.02
C LEU A 433 6.87 -12.07 -1.03
N ALA A 434 7.14 -13.07 -0.20
CA ALA A 434 8.25 -12.96 0.79
C ALA A 434 9.62 -12.84 0.12
N ALA A 435 9.94 -13.76 -0.80
CA ALA A 435 11.22 -13.70 -1.52
C ALA A 435 11.33 -12.36 -2.24
N ILE A 436 10.26 -11.95 -2.93
CA ILE A 436 10.26 -10.69 -3.64
C ILE A 436 10.63 -9.56 -2.69
N ASN A 437 9.91 -9.43 -1.58
CA ASN A 437 10.21 -8.36 -0.62
C ASN A 437 11.72 -8.31 -0.31
N LEU A 438 12.29 -9.45 0.08
CA LEU A 438 13.72 -9.50 0.43
C LEU A 438 14.62 -9.13 -0.75
N GLN A 439 14.21 -9.54 -1.95
CA GLN A 439 14.96 -9.23 -3.17
C GLN A 439 14.93 -7.70 -3.33
N ARG A 440 13.74 -7.11 -3.18
CA ARG A 440 13.57 -5.67 -3.31
C ARG A 440 14.42 -4.87 -2.31
N CYS A 441 14.59 -5.39 -1.09
CA CYS A 441 15.41 -4.69 -0.08
C CYS A 441 16.80 -4.51 -0.64
N ARG A 442 17.31 -5.60 -1.21
CA ARG A 442 18.64 -5.59 -1.76
C ARG A 442 18.69 -4.72 -3.01
N ASP A 443 17.62 -4.76 -3.81
CA ASP A 443 17.50 -3.97 -5.03
C ASP A 443 17.54 -2.48 -4.68
N HIS A 444 16.98 -2.11 -3.54
CA HIS A 444 16.93 -0.72 -3.12
C HIS A 444 18.12 -0.36 -2.25
N GLY A 445 19.18 -1.16 -2.35
CA GLY A 445 20.38 -0.94 -1.55
C GLY A 445 20.13 -0.72 -0.06
N MET A 446 19.21 -1.46 0.53
CA MET A 446 18.90 -1.24 1.93
C MET A 446 19.94 -1.54 2.99
N PRO A 447 20.05 -0.66 3.99
CA PRO A 447 21.03 -0.90 5.05
C PRO A 447 20.47 -2.08 5.84
N GLY A 448 21.34 -2.91 6.40
CA GLY A 448 20.91 -4.06 7.18
C GLY A 448 20.14 -3.72 8.45
N TYR A 449 19.63 -4.75 9.13
CA TYR A 449 18.84 -4.63 10.35
C TYR A 449 19.43 -3.79 11.49
N ASN A 450 20.71 -3.97 11.80
CA ASN A 450 21.33 -3.21 12.89
C ASN A 450 21.53 -1.73 12.57
N SER A 451 21.80 -1.43 11.31
CA SER A 451 21.92 -0.05 10.88
C SER A 451 20.62 0.61 11.30
N TRP A 452 19.50 -0.05 11.02
CA TRP A 452 18.18 0.47 11.35
C TRP A 452 17.86 0.47 12.83
N ARG A 453 18.43 -0.48 13.57
CA ARG A 453 18.23 -0.56 15.01
C ARG A 453 18.96 0.63 15.61
N GLY A 454 20.18 0.87 15.11
CA GLY A 454 20.98 2.00 15.57
C GLY A 454 20.27 3.31 15.25
N PHE A 455 19.65 3.36 14.07
CA PHE A 455 18.93 4.53 13.61
C PHE A 455 17.81 4.93 14.55
N CYS A 456 17.18 3.94 15.18
CA CYS A 456 16.05 4.18 16.07
C CYS A 456 16.34 4.30 17.55
N GLY A 457 17.62 4.30 17.89
CA GLY A 457 18.00 4.41 19.29
C GLY A 457 17.75 3.11 20.02
N LEU A 458 17.97 2.01 19.33
CA LEU A 458 17.78 0.68 19.91
C LEU A 458 19.10 -0.10 19.82
N SER A 459 19.15 -1.21 20.53
CA SER A 459 20.35 -2.03 20.60
C SER A 459 20.69 -2.78 19.33
N GLN A 460 21.97 -3.07 19.14
CA GLN A 460 22.42 -3.79 17.96
C GLN A 460 23.10 -5.08 18.33
N PRO A 461 22.32 -6.18 18.43
CA PRO A 461 22.80 -7.52 18.78
C PRO A 461 23.80 -8.05 17.77
N LYS A 462 24.84 -8.72 18.27
CA LYS A 462 25.88 -9.28 17.39
C LYS A 462 26.00 -10.78 17.55
N THR A 463 25.31 -11.31 18.56
CA THR A 463 25.38 -12.72 18.87
C THR A 463 24.04 -13.42 18.76
N LEU A 464 24.07 -14.75 18.85
CA LEU A 464 22.87 -15.56 18.79
C LEU A 464 22.07 -15.19 20.05
N LYS A 465 22.77 -15.06 21.18
CA LYS A 465 22.13 -14.74 22.45
C LYS A 465 21.55 -13.34 22.44
N GLY A 466 22.23 -12.42 21.75
CA GLY A 466 21.74 -11.07 21.67
C GLY A 466 20.45 -11.04 20.89
N LEU A 467 20.46 -11.69 19.71
CA LEU A 467 19.28 -11.74 18.84
C LEU A 467 18.11 -12.44 19.52
N GLN A 468 18.40 -13.50 20.27
CA GLN A 468 17.38 -14.25 21.00
C GLN A 468 16.63 -13.32 21.94
N THR A 469 17.40 -12.55 22.69
CA THR A 469 16.86 -11.61 23.68
C THR A 469 16.03 -10.49 23.08
N VAL A 470 16.40 -10.03 21.88
CA VAL A 470 15.64 -8.98 21.21
C VAL A 470 14.34 -9.56 20.62
N LEU A 471 14.43 -10.69 19.93
CA LEU A 471 13.26 -11.31 19.33
C LEU A 471 12.39 -12.08 20.32
N LYS A 472 12.95 -12.36 21.50
CA LYS A 472 12.28 -13.17 22.53
C LYS A 472 11.88 -14.49 21.90
N ASN A 473 12.83 -15.09 21.16
CA ASN A 473 12.61 -16.37 20.50
C ASN A 473 13.97 -17.02 20.19
N LYS A 474 14.22 -18.18 20.80
CA LYS A 474 15.47 -18.92 20.58
C LYS A 474 15.58 -19.44 19.16
N ILE A 475 14.59 -20.23 18.72
CA ILE A 475 14.65 -20.84 17.41
C ILE A 475 14.62 -19.88 16.22
N LEU A 476 13.85 -18.80 16.32
CA LEU A 476 13.81 -17.82 15.25
C LEU A 476 15.22 -17.22 15.14
N ALA A 477 15.79 -16.83 16.27
CA ALA A 477 17.13 -16.27 16.30
C ALA A 477 18.12 -17.20 15.64
N LYS A 478 18.04 -18.50 15.97
CA LYS A 478 18.97 -19.51 15.43
C LYS A 478 18.87 -19.71 13.92
N LYS A 479 17.65 -19.72 13.39
CA LYS A 479 17.44 -19.89 11.96
C LYS A 479 18.02 -18.67 11.25
N LEU A 480 17.66 -17.47 11.72
CA LEU A 480 18.17 -16.23 11.14
C LEU A 480 19.70 -16.22 11.17
N MET A 481 20.29 -16.51 12.32
CA MET A 481 21.75 -16.55 12.46
C MET A 481 22.40 -17.54 11.48
N ASP A 482 21.85 -18.75 11.41
CA ASP A 482 22.40 -19.76 10.51
C ASP A 482 22.37 -19.29 9.05
N LEU A 483 21.36 -18.50 8.72
CA LEU A 483 21.25 -17.98 7.37
C LEU A 483 22.07 -16.73 7.14
N TYR A 484 21.87 -15.73 7.92
CA TYR A 484 22.61 -14.48 7.86
C TYR A 484 24.04 -14.52 8.38
N LYS A 485 24.23 -15.21 9.49
CA LYS A 485 25.53 -15.40 10.10
C LYS A 485 25.86 -14.17 10.92
N THR A 486 25.03 -13.15 10.80
CA THR A 486 25.19 -11.97 11.61
C THR A 486 23.94 -11.16 11.47
N PRO A 487 23.55 -10.47 12.53
CA PRO A 487 22.37 -9.60 12.49
C PRO A 487 22.61 -8.50 11.48
N ASP A 488 23.84 -8.02 11.41
CA ASP A 488 24.18 -6.87 10.58
C ASP A 488 23.73 -7.10 9.15
N ASN A 489 23.61 -8.37 8.77
CA ASN A 489 23.20 -8.74 7.41
C ASN A 489 21.71 -9.01 7.20
N ILE A 490 20.96 -9.21 8.29
CA ILE A 490 19.53 -9.48 8.19
C ILE A 490 18.83 -8.35 7.45
N ASP A 491 18.18 -8.70 6.35
CA ASP A 491 17.43 -7.75 5.53
C ASP A 491 16.37 -7.09 6.41
N ILE A 492 16.27 -5.77 6.32
CA ILE A 492 15.34 -5.03 7.16
C ILE A 492 13.92 -5.58 7.19
N TRP A 493 13.40 -6.02 6.05
CA TRP A 493 12.02 -6.54 6.03
C TRP A 493 11.78 -7.71 6.98
N ILE A 494 12.63 -8.73 6.91
CA ILE A 494 12.44 -9.88 7.79
C ILE A 494 12.93 -9.57 9.21
N GLY A 495 13.82 -8.59 9.35
CA GLY A 495 14.33 -8.21 10.65
C GLY A 495 13.30 -7.42 11.45
N GLY A 496 12.70 -6.44 10.80
CA GLY A 496 11.71 -5.61 11.46
C GLY A 496 10.49 -6.42 11.85
N ASN A 497 10.08 -7.34 10.97
CA ASN A 497 8.91 -8.15 11.22
C ASN A 497 9.10 -9.31 12.16
N ALA A 498 10.35 -9.65 12.45
CA ALA A 498 10.66 -10.75 13.36
C ALA A 498 10.48 -10.36 14.82
N GLU A 499 10.47 -9.06 15.12
CA GLU A 499 10.35 -8.57 16.49
C GLU A 499 8.94 -8.69 17.05
N PRO A 500 8.80 -9.10 18.32
CA PRO A 500 7.49 -9.25 18.96
C PRO A 500 6.73 -7.92 18.93
N MET A 501 5.40 -7.98 18.92
CA MET A 501 4.58 -6.77 18.88
C MET A 501 4.58 -5.93 20.16
N VAL A 502 4.58 -4.62 19.97
CA VAL A 502 4.55 -3.67 21.07
C VAL A 502 3.17 -3.75 21.71
N GLU A 503 3.12 -3.45 23.00
CA GLU A 503 1.87 -3.48 23.75
C GLU A 503 0.79 -2.65 23.04
N ARG A 504 -0.40 -3.21 22.92
CA ARG A 504 -1.53 -2.50 22.32
C ARG A 504 -1.29 -2.12 20.87
N GLY A 505 -0.45 -2.89 20.19
CA GLY A 505 0.03 -2.53 18.86
C GLY A 505 0.18 -3.75 17.97
N ARG A 506 0.39 -3.54 16.69
CA ARG A 506 0.55 -4.68 15.78
C ARG A 506 1.91 -4.80 15.07
N VAL A 507 2.90 -4.01 15.54
CA VAL A 507 4.27 -4.11 15.02
C VAL A 507 5.27 -3.99 16.18
N GLY A 508 6.53 -4.32 15.91
CA GLY A 508 7.55 -4.23 16.94
C GLY A 508 8.12 -2.84 17.12
N PRO A 509 9.16 -2.68 17.96
CA PRO A 509 9.79 -1.38 18.22
C PRO A 509 10.43 -0.75 16.99
N LEU A 510 11.22 -1.54 16.27
CA LEU A 510 11.88 -1.03 15.09
C LEU A 510 10.87 -0.50 14.06
N LEU A 511 9.82 -1.25 13.78
CA LEU A 511 8.84 -0.76 12.80
C LEU A 511 8.02 0.40 13.35
N ALA A 512 7.65 0.37 14.63
CA ALA A 512 6.88 1.45 15.25
C ALA A 512 7.67 2.75 15.16
N CYS A 513 8.99 2.63 15.16
CA CYS A 513 9.87 3.79 15.05
C CYS A 513 9.86 4.31 13.61
N LEU A 514 10.15 3.42 12.65
CA LEU A 514 10.17 3.77 11.23
C LEU A 514 8.78 4.22 10.75
N LEU A 515 7.76 3.39 10.94
CA LEU A 515 6.41 3.79 10.56
C LEU A 515 6.09 5.10 11.29
N GLY A 516 6.36 5.14 12.60
CA GLY A 516 6.11 6.31 13.42
C GLY A 516 6.59 7.64 12.83
N ARG A 517 7.89 7.73 12.56
CA ARG A 517 8.47 8.92 11.98
C ARG A 517 7.79 9.34 10.69
N GLN A 518 7.78 8.44 9.70
CA GLN A 518 7.21 8.72 8.39
C GLN A 518 5.82 9.33 8.40
N PHE A 519 4.90 8.73 9.15
CA PHE A 519 3.53 9.23 9.20
C PHE A 519 3.44 10.62 9.79
N GLN A 520 4.22 10.87 10.84
CA GLN A 520 4.26 12.18 11.45
C GLN A 520 4.82 13.18 10.44
N GLN A 521 5.83 12.76 9.67
CA GLN A 521 6.42 13.64 8.66
C GLN A 521 5.38 13.96 7.58
N ILE A 522 4.60 12.98 7.13
CA ILE A 522 3.60 13.30 6.12
C ILE A 522 2.41 14.09 6.68
N ARG A 523 2.24 14.09 8.00
CA ARG A 523 1.18 14.93 8.55
C ARG A 523 1.74 16.36 8.73
N ASP A 524 2.91 16.49 9.34
CA ASP A 524 3.48 17.82 9.56
C ASP A 524 3.97 18.60 8.35
N GLY A 525 4.42 17.92 7.31
CA GLY A 525 4.88 18.60 6.12
C GLY A 525 3.79 18.81 5.06
N ASP A 526 2.54 18.68 5.46
CA ASP A 526 1.44 18.82 4.52
C ASP A 526 0.67 20.13 4.66
N ARG A 527 0.92 21.05 3.73
CA ARG A 527 0.27 22.34 3.72
C ARG A 527 -1.25 22.24 3.67
N PHE A 528 -1.74 21.13 3.11
CA PHE A 528 -3.17 20.91 2.99
C PHE A 528 -3.78 19.86 3.97
N TRP A 529 -3.10 19.63 5.09
CA TRP A 529 -3.61 18.71 6.12
C TRP A 529 -4.97 19.29 6.51
N TRP A 530 -5.95 18.41 6.68
CA TRP A 530 -7.30 18.83 6.97
C TRP A 530 -7.52 19.69 8.21
N GLU A 531 -6.56 19.63 9.12
CA GLU A 531 -6.64 20.36 10.38
C GLU A 531 -5.77 21.61 10.39
N ASN A 532 -4.94 21.75 9.36
CA ASN A 532 -4.09 22.93 9.23
C ASN A 532 -5.06 24.12 9.14
N PRO A 533 -4.93 25.09 10.05
CA PRO A 533 -5.82 26.26 10.04
C PRO A 533 -5.90 26.90 8.66
N GLY A 534 -7.13 27.18 8.22
CA GLY A 534 -7.33 27.82 6.94
C GLY A 534 -7.60 26.91 5.75
N VAL A 535 -7.33 25.61 5.92
CA VAL A 535 -7.58 24.65 4.84
C VAL A 535 -9.09 24.47 4.79
N PHE A 536 -9.69 24.02 5.88
CA PHE A 536 -11.14 23.91 5.95
C PHE A 536 -11.57 25.01 6.92
N THR A 537 -12.87 25.31 6.93
CA THR A 537 -13.40 26.32 7.83
C THR A 537 -13.61 25.68 9.20
N GLU A 538 -13.61 26.52 10.24
CA GLU A 538 -13.80 26.10 11.62
C GLU A 538 -15.00 25.15 11.73
N LYS A 539 -16.06 25.45 10.99
CA LYS A 539 -17.29 24.66 11.00
C LYS A 539 -17.14 23.36 10.21
N GLN A 540 -16.53 23.44 9.02
CA GLN A 540 -16.29 22.28 8.16
C GLN A 540 -15.51 21.20 8.92
N ARG A 541 -14.55 21.65 9.74
CA ARG A 541 -13.72 20.75 10.54
C ARG A 541 -14.52 20.00 11.60
N ASP A 542 -15.59 20.62 12.11
CA ASP A 542 -16.44 19.97 13.10
C ASP A 542 -17.32 18.89 12.43
N SER A 543 -17.67 19.11 11.15
CA SER A 543 -18.46 18.15 10.38
C SER A 543 -17.58 16.94 10.00
N LEU A 544 -16.33 17.21 9.59
CA LEU A 544 -15.39 16.16 9.19
C LEU A 544 -14.95 15.30 10.38
N GLN A 545 -14.94 15.90 11.57
CA GLN A 545 -14.52 15.21 12.79
C GLN A 545 -15.39 13.98 13.09
N LYS A 546 -16.56 13.92 12.45
CA LYS A 546 -17.51 12.83 12.64
C LYS A 546 -17.49 11.69 11.62
N VAL A 547 -16.57 11.73 10.65
CA VAL A 547 -16.53 10.66 9.64
C VAL A 547 -16.19 9.30 10.25
N SER A 548 -16.60 8.24 9.56
CA SER A 548 -16.31 6.86 9.98
C SER A 548 -16.31 5.95 8.77
N PHE A 549 -15.74 4.76 8.91
CA PHE A 549 -15.72 3.84 7.79
C PHE A 549 -17.12 3.23 7.72
N SER A 550 -17.75 3.08 8.88
CA SER A 550 -19.12 2.56 8.93
C SER A 550 -19.95 3.48 8.02
N ARG A 551 -19.88 4.79 8.26
CA ARG A 551 -20.61 5.78 7.48
C ARG A 551 -20.29 5.63 5.98
N LEU A 552 -19.02 5.43 5.63
CA LEU A 552 -18.64 5.23 4.23
C LEU A 552 -19.38 4.02 3.65
N ILE A 553 -19.52 2.96 4.45
CA ILE A 553 -20.23 1.77 3.97
C ILE A 553 -21.71 2.09 3.77
N CYS A 554 -22.39 2.50 4.84
CA CYS A 554 -23.82 2.83 4.72
C CYS A 554 -24.07 3.76 3.52
N ASP A 555 -23.36 4.88 3.46
CA ASP A 555 -23.53 5.84 2.36
C ASP A 555 -23.31 5.27 0.95
N ASN A 556 -22.48 4.23 0.82
CA ASN A 556 -22.13 3.72 -0.51
C ASN A 556 -22.29 2.23 -0.85
N THR A 557 -23.21 1.60 -0.12
CA THR A 557 -23.51 0.18 -0.24
C THR A 557 -24.91 0.02 0.30
N HIS A 558 -25.53 -1.12 0.06
CA HIS A 558 -26.88 -1.34 0.53
C HIS A 558 -26.95 -1.98 1.89
N ILE A 559 -25.78 -2.18 2.51
CA ILE A 559 -25.74 -2.66 3.88
C ILE A 559 -26.33 -1.64 4.84
N THR A 560 -27.12 -2.12 5.80
CA THR A 560 -27.70 -1.25 6.83
C THR A 560 -27.32 -1.65 8.25
N LYS A 561 -26.46 -2.66 8.39
CA LYS A 561 -26.00 -3.10 9.72
C LYS A 561 -24.47 -3.14 9.76
N VAL A 562 -23.89 -2.23 10.53
CA VAL A 562 -22.45 -2.09 10.63
C VAL A 562 -21.96 -1.85 12.05
N PRO A 563 -20.69 -2.18 12.35
CA PRO A 563 -20.20 -1.95 13.70
C PRO A 563 -19.98 -0.45 13.88
N LEU A 564 -19.56 -0.06 15.09
CA LEU A 564 -19.26 1.33 15.36
C LEU A 564 -17.75 1.52 15.15
N HIS A 565 -16.99 0.47 15.43
CA HIS A 565 -15.53 0.48 15.32
C HIS A 565 -15.12 -0.57 14.31
N ALA A 566 -14.99 -0.15 13.06
CA ALA A 566 -14.70 -1.04 11.94
C ALA A 566 -13.41 -1.83 11.92
N PHE A 567 -12.40 -1.36 12.63
CA PHE A 567 -11.13 -2.07 12.62
C PHE A 567 -10.96 -3.17 13.67
N GLN A 568 -11.65 -3.06 14.79
CA GLN A 568 -11.56 -4.10 15.81
C GLN A 568 -12.44 -5.27 15.35
N ALA A 569 -12.23 -6.45 15.93
CA ALA A 569 -13.04 -7.61 15.57
C ALA A 569 -14.48 -7.38 16.05
N ASN A 570 -15.43 -7.68 15.17
CA ASN A 570 -16.85 -7.50 15.47
C ASN A 570 -17.66 -8.67 14.97
N ASN A 571 -18.55 -9.17 15.83
CA ASN A 571 -19.41 -10.30 15.49
C ASN A 571 -20.87 -9.88 15.31
N TYR A 572 -21.55 -10.54 14.37
CA TYR A 572 -22.96 -10.25 14.07
C TYR A 572 -23.87 -11.26 14.81
N PRO A 573 -25.02 -10.79 15.32
CA PRO A 573 -25.54 -9.41 15.31
C PRO A 573 -25.18 -8.52 16.48
N HIS A 574 -24.52 -9.08 17.49
CA HIS A 574 -24.18 -8.34 18.69
C HIS A 574 -23.44 -7.02 18.52
N ASP A 575 -22.28 -7.08 17.90
CA ASP A 575 -21.46 -5.89 17.69
C ASP A 575 -21.94 -5.00 16.58
N PHE A 576 -23.06 -5.36 15.97
CA PHE A 576 -23.60 -4.59 14.87
C PHE A 576 -24.79 -3.72 15.26
N VAL A 577 -24.87 -2.54 14.65
CA VAL A 577 -25.98 -1.62 14.89
C VAL A 577 -26.48 -1.13 13.55
N ASP A 578 -27.68 -0.57 13.55
CA ASP A 578 -28.32 -0.06 12.34
C ASP A 578 -27.57 1.19 11.86
N CYS A 579 -27.65 1.47 10.56
CA CYS A 579 -26.99 2.64 10.01
C CYS A 579 -27.66 3.91 10.55
N SER A 580 -28.93 3.77 10.90
CA SER A 580 -29.74 4.85 11.47
C SER A 580 -29.05 5.55 12.64
N THR A 581 -28.40 4.77 13.52
CA THR A 581 -27.75 5.31 14.71
C THR A 581 -26.29 5.73 14.52
N VAL A 582 -25.91 5.93 13.26
CA VAL A 582 -24.54 6.31 12.92
C VAL A 582 -24.38 7.75 12.46
N ASP A 583 -23.45 8.47 13.12
CA ASP A 583 -23.16 9.85 12.78
C ASP A 583 -23.05 10.00 11.26
N LYS A 584 -23.61 11.08 10.72
CA LYS A 584 -23.55 11.32 9.28
C LYS A 584 -22.60 12.47 9.00
N LEU A 585 -22.12 12.58 7.77
CA LEU A 585 -21.29 13.71 7.41
C LEU A 585 -22.27 14.74 6.83
N ASP A 586 -22.55 15.78 7.63
CA ASP A 586 -23.43 16.87 7.21
C ASP A 586 -22.56 17.81 6.38
N LEU A 587 -23.05 18.15 5.18
CA LEU A 587 -22.30 19.00 4.25
C LEU A 587 -22.77 20.46 4.15
N SER A 588 -23.59 20.87 5.11
CA SER A 588 -24.11 22.24 5.13
C SER A 588 -22.99 23.27 5.23
N PRO A 589 -21.91 22.98 5.99
CA PRO A 589 -20.81 23.95 6.11
C PRO A 589 -20.13 24.29 4.76
N TRP A 590 -20.55 23.63 3.69
CA TRP A 590 -19.95 23.88 2.37
C TRP A 590 -20.80 24.80 1.49
N ALA A 591 -21.88 25.32 2.08
CA ALA A 591 -22.79 26.21 1.36
C ALA A 591 -22.01 27.46 0.94
N SER A 592 -22.10 27.80 -0.34
CA SER A 592 -21.40 28.97 -0.87
C SER A 592 -22.36 30.15 -1.01
N ARG A 593 -22.32 31.05 -0.03
CA ARG A 593 -23.15 32.25 -0.02
C ARG A 593 -22.38 33.30 -0.84
N GLU A 594 -22.49 33.22 -2.16
CA GLU A 594 -21.77 34.12 -3.06
C GLU A 594 -22.35 35.52 -3.22
N ASN A 595 -23.65 35.67 -2.97
CA ASN A 595 -24.31 36.98 -3.08
C ASN A 595 -24.52 37.63 -1.70
C1 NAG B . -15.02 -18.02 -15.27
C2 NAG B . -15.05 -19.09 -14.17
C3 NAG B . -16.36 -19.78 -14.25
C4 NAG B . -17.44 -18.71 -14.41
C5 NAG B . -17.23 -17.77 -15.51
C6 NAG B . -18.35 -16.80 -15.84
C7 NAG B . -12.82 -19.97 -13.80
C8 NAG B . -11.83 -21.09 -14.12
N2 NAG B . -14.00 -20.05 -14.44
O3 NAG B . -16.55 -20.56 -13.09
O4 NAG B . -18.50 -19.34 -14.91
O5 NAG B . -16.08 -17.08 -15.20
O6 NAG B . -18.61 -15.93 -14.76
O7 NAG B . -12.51 -19.07 -13.01
C1 NAG B . -19.55 -19.58 -13.89
C2 NAG B . -20.89 -19.65 -14.52
C3 NAG B . -21.88 -19.37 -13.47
C4 NAG B . -21.82 -20.53 -12.47
C5 NAG B . -20.44 -21.18 -12.26
C6 NAG B . -20.27 -22.53 -12.94
C7 NAG B . -20.72 -19.15 -16.92
C8 NAG B . -20.96 -18.16 -18.06
N2 NAG B . -20.98 -18.74 -15.67
O3 NAG B . -23.15 -19.32 -14.08
O4 NAG B . -22.32 -20.13 -11.22
O5 NAG B . -19.36 -20.30 -12.67
O6 NAG B . -19.26 -23.31 -12.31
O7 NAG B . -20.30 -20.29 -17.19
CA CA C . -0.48 10.21 -2.34
CHA HEM D . 4.16 -4.24 -2.41
CHB HEM D . 0.97 -7.77 -3.10
CHC HEM D . -1.28 -6.47 0.84
CHD HEM D . 1.99 -2.97 1.72
C1A HEM D . 3.55 -5.31 -2.96
C2A HEM D . 3.97 -6.02 -4.17
C3A HEM D . 3.09 -7.00 -4.37
C4A HEM D . 2.10 -6.93 -3.30
CMA HEM D . 3.10 -8.03 -5.52
CAA HEM D . 5.23 -5.68 -5.01
CBA HEM D . 6.50 -5.97 -4.26
CGA HEM D . 7.78 -5.69 -5.02
O1A HEM D . 8.85 -5.39 -4.35
O2A HEM D . 7.71 -5.81 -6.29
C1B HEM D . 0.01 -7.73 -2.12
C2B HEM D . -1.20 -8.54 -2.01
C3B HEM D . -1.83 -8.13 -0.92
C4B HEM D . -1.02 -7.10 -0.31
CMB HEM D . -1.68 -9.65 -2.96
CAB HEM D . -3.18 -8.64 -0.31
CBB HEM D . -3.74 -9.84 -0.67
C1C HEM D . -0.59 -5.45 1.47
C2C HEM D . -0.91 -4.86 2.77
C3C HEM D . 0.00 -3.88 3.01
C4C HEM D . 0.89 -3.85 1.87
CMC HEM D . -2.10 -5.33 3.75
CAC HEM D . 0.15 -2.92 4.24
CBC HEM D . -0.61 -2.92 5.33
C1D HEM D . 2.88 -2.93 0.62
C2D HEM D . 3.87 -1.91 0.41
C3D HEM D . 4.52 -2.28 -0.85
C4D HEM D . 3.84 -3.53 -1.26
CMD HEM D . 4.34 -0.68 1.17
CAD HEM D . 5.65 -1.41 -1.45
CBD HEM D . 5.00 -0.33 -2.37
CGD HEM D . 6.02 0.40 -3.12
O1D HEM D . 6.40 -0.11 -4.18
O2D HEM D . 6.49 1.47 -2.64
NA HEM D . 2.42 -5.87 -2.44
NB HEM D . 0.08 -6.88 -1.07
NC HEM D . 0.53 -4.82 0.93
ND HEM D . 2.92 -3.86 -0.40
FE HEM D . 1.69 -5.46 -0.56
C1 NAG E . -9.51 -4.27 21.10
C2 NAG E . -9.28 -4.34 22.58
C3 NAG E . -9.90 -3.13 23.20
C4 NAG E . -9.34 -1.88 22.50
C5 NAG E . -9.54 -1.93 20.99
C6 NAG E . -8.83 -0.82 20.27
C7 NAG E . -8.95 -6.41 23.81
C8 NAG E . -9.57 -7.67 24.42
N2 NAG E . -9.77 -5.60 23.13
O3 NAG E . -9.55 -3.12 24.57
O4 NAG E . -9.98 -0.73 22.99
O5 NAG E . -8.98 -3.12 20.49
O6 NAG E . -8.96 -0.96 18.85
O7 NAG E . -7.74 -6.20 23.96
C1 NAG F . -21.14 11.45 -17.14
C2 NAG F . -21.35 9.96 -17.34
C3 NAG F . -22.70 9.75 -17.93
C4 NAG F . -23.75 10.49 -17.10
C5 NAG F . -23.39 11.97 -16.99
C6 NAG F . -24.33 12.80 -16.13
C7 NAG F . -19.34 8.60 -17.63
C8 NAG F . -18.35 7.96 -18.61
N2 NAG F . -20.28 9.38 -18.16
O3 NAG F . -22.98 8.37 -17.92
O4 NAG F . -25.01 10.37 -17.74
O5 NAG F . -22.15 12.08 -16.39
O6 NAG F . -24.41 12.29 -14.81
O7 NAG F . -19.23 8.36 -16.42
C1 NAG G . 9.63 22.01 12.27
C2 NAG G . 9.38 21.85 13.78
C3 NAG G . 10.72 21.94 14.49
C4 NAG G . 11.79 21.08 13.80
C5 NAG G . 11.83 21.33 12.30
C6 NAG G . 12.84 20.53 11.50
C7 NAG G . 7.48 22.65 15.12
C8 NAG G . 6.61 23.84 15.50
N2 NAG G . 8.46 22.89 14.23
O3 NAG G . 10.55 21.51 15.83
O4 NAG G . 13.06 21.38 14.34
O5 NAG G . 10.54 21.06 11.76
O6 NAG G . 12.62 19.14 11.62
O7 NAG G . 7.27 21.54 15.62
I IOD H . 16.07 4.99 3.43
I IOD I . 15.10 -24.37 1.45
I IOD J . -5.26 -4.41 20.95
I IOD K . -6.64 13.22 12.73
I IOD L . -27.10 -5.53 5.67
I IOD M . -12.10 1.27 14.75
I IOD N . -18.08 -18.11 4.89
I IOD O . -1.28 -10.79 -18.11
I IOD P . 24.94 -8.91 21.91
I IOD Q . -16.39 0.95 -18.89
C1 EUG R . 0.55 -4.79 -8.96
C2 EUG R . 1.82 -4.56 -8.41
C3 EUG R . 1.93 -4.42 -7.01
C4 EUG R . 0.70 -4.52 -6.13
C5 EUG R . -0.46 -4.74 -6.67
C6 EUG R . -0.52 -4.86 -8.05
C7 EUG R . 0.27 -4.93 -10.40
C8 EUG R . -0.83 -4.42 -10.98
C9 EUG R . 3.65 -2.83 -6.09
O3 EUG R . 3.19 -4.18 -6.38
O4 EUG R . 0.78 -4.38 -4.72
C1 MPD S . -2.63 6.03 -19.56
C2 MPD S . -3.03 7.24 -18.83
O2 MPD S . -4.09 6.91 -18.15
CM MPD S . -2.04 7.47 -17.70
C3 MPD S . -3.10 8.43 -19.72
C4 MPD S . -4.17 8.46 -20.87
O4 MPD S . -4.74 9.75 -21.13
C5 MPD S . -3.67 7.83 -22.11
S SCN T . -4.52 -3.73 -16.38
C SCN T . -3.50 -3.83 -14.84
N SCN T . -2.81 -3.94 -13.86
C1 EDO U . 21.58 -24.96 -6.88
O1 EDO U . 20.52 -25.89 -7.11
C2 EDO U . 22.57 -25.52 -5.93
O2 EDO U . 23.91 -25.50 -6.44
C1 EDO V . 20.19 -8.88 -25.54
O1 EDO V . 19.16 -9.83 -25.80
C2 EDO V . 19.60 -7.68 -24.82
O2 EDO V . 20.41 -7.33 -23.70
C1 GOL W . -12.64 -9.12 21.32
O1 GOL W . -12.84 -8.27 22.42
C2 GOL W . -12.13 -10.50 21.79
O2 GOL W . -10.84 -10.43 22.36
C3 GOL W . -11.99 -11.41 20.60
O3 GOL W . -12.14 -12.74 21.02
#